data_5K4W
#
_entry.id   5K4W
#
_cell.length_a   83.450
_cell.length_b   136.120
_cell.length_c   55.690
_cell.angle_alpha   90.000
_cell.angle_beta   90.000
_cell.angle_gamma   90.000
#
_symmetry.space_group_name_H-M   'P 21 21 2'
#
loop_
_entity.id
_entity.type
_entity.pdbx_description
1 polymer 'L-threonine 3-dehydrogenase'
2 non-polymer '1,4-DIHYDRONICOTINAMIDE ADENINE DINUCLEOTIDE'
3 non-polymer THREONINE
4 non-polymer GLYCEROL
5 non-polymer 'SODIUM ION'
6 water water
#
_entity_poly.entity_id   1
_entity_poly.type   'polypeptide(L)'
_entity_poly.pdbx_seq_one_letter_code
;HMPRVLVTGALGQIGTDLSLALRDKFGADSVLVSDVVEPGAKHPLAGLKGVEKLDCLDSNGFEKLVKEFKPTWMYHLPAI
MSVRGEAEPDLAMDINVNTTRYALELARKYNIRIFIPSTIAAFGDKCGKTMTKDDTIMNPSTVYGVTKVYTELLGTWYRQ
KYGVDFRSVRLPGIISAATLPGGGATDYAIHMYHSALLQKKCVCPVLPYESLPMMYMPDTLNSLVKIMEAPLEKLTRTVY
NITGFSFSPSELRFSIERCTDRTIEVEYVEGPAQKIANSWPDSLDDSNARNDWGHQVKYDIDMMSEDMLRQIPILHGLPS
L
;
_entity_poly.pdbx_strand_id   A,C
#
loop_
_chem_comp.id
_chem_comp.type
_chem_comp.name
_chem_comp.formula
GOL non-polymer GLYCEROL 'C3 H8 O3'
NA non-polymer 'SODIUM ION' 'Na 1'
NAI non-polymer '1,4-DIHYDRONICOTINAMIDE ADENINE DINUCLEOTIDE' 'C21 H29 N7 O14 P2'
#
# COMPACT_ATOMS: atom_id res chain seq x y z
N MET A 2 8.29 11.86 31.79
CA MET A 2 8.50 10.40 31.51
C MET A 2 7.28 9.81 30.82
N PRO A 3 7.49 9.26 29.65
CA PRO A 3 6.32 8.77 28.94
C PRO A 3 5.67 7.55 29.56
N ARG A 4 4.44 7.27 29.16
CA ARG A 4 3.76 6.02 29.46
C ARG A 4 3.69 5.23 28.14
N VAL A 5 4.29 4.07 28.12
CA VAL A 5 4.59 3.35 26.84
C VAL A 5 3.82 2.04 26.77
N LEU A 6 3.04 1.86 25.70
CA LEU A 6 2.37 0.62 25.38
C LEU A 6 3.18 -0.06 24.27
N VAL A 7 3.45 -1.36 24.40
CA VAL A 7 4.06 -2.20 23.33
C VAL A 7 3.07 -3.29 23.03
N THR A 8 2.60 -3.42 21.77
CA THR A 8 1.78 -4.50 21.31
C THR A 8 2.67 -5.46 20.51
N GLY A 9 2.29 -6.72 20.49
CA GLY A 9 3.13 -7.72 19.88
C GLY A 9 4.39 -7.97 20.63
N ALA A 10 4.30 -7.88 21.94
CA ALA A 10 5.48 -7.74 22.73
C ALA A 10 6.26 -8.99 23.01
N LEU A 11 5.69 -10.17 22.79
CA LEU A 11 6.40 -11.40 23.09
C LEU A 11 7.40 -11.91 22.03
N GLY A 12 7.42 -11.27 20.88
CA GLY A 12 8.30 -11.66 19.81
C GLY A 12 9.73 -11.26 19.95
N GLN A 13 10.46 -11.39 18.85
CA GLN A 13 11.90 -11.15 18.91
C GLN A 13 12.18 -9.71 19.32
N ILE A 14 11.58 -8.74 18.67
CA ILE A 14 11.90 -7.36 19.06
C ILE A 14 11.24 -6.94 20.37
N GLY A 15 9.99 -7.30 20.53
CA GLY A 15 9.28 -6.87 21.68
C GLY A 15 9.84 -7.35 22.98
N THR A 16 10.42 -8.53 22.99
CA THR A 16 10.93 -9.10 24.22
C THR A 16 12.02 -8.17 24.74
N ASP A 17 12.97 -7.88 23.91
CA ASP A 17 14.07 -7.01 24.36
C ASP A 17 13.67 -5.57 24.54
N LEU A 18 12.79 -5.04 23.67
CA LEU A 18 12.35 -3.68 23.77
C LEU A 18 11.58 -3.44 25.09
N SER A 19 10.74 -4.40 25.44
CA SER A 19 9.92 -4.28 26.62
C SER A 19 10.84 -4.17 27.85
N LEU A 20 11.88 -4.98 27.89
CA LEU A 20 12.80 -4.99 29.04
C LEU A 20 13.57 -3.67 29.11
N ALA A 21 13.99 -3.21 27.96
CA ALA A 21 14.71 -1.94 27.89
C ALA A 21 13.84 -0.76 28.34
N LEU A 22 12.57 -0.77 27.97
CA LEU A 22 11.68 0.35 28.31
C LEU A 22 11.43 0.32 29.82
N ARG A 23 11.19 -0.88 30.37
CA ARG A 23 10.93 -0.97 31.82
C ARG A 23 12.15 -0.46 32.59
N ASP A 24 13.33 -0.81 32.12
CA ASP A 24 14.58 -0.44 32.80
C ASP A 24 14.78 1.09 32.70
N LYS A 25 14.46 1.71 31.57
CA LYS A 25 14.70 3.17 31.38
C LYS A 25 13.62 3.97 32.12
N PHE A 26 12.37 3.57 31.97
CA PHE A 26 11.25 4.43 32.32
C PHE A 26 10.48 3.95 33.54
N GLY A 27 10.81 2.74 34.00
CA GLY A 27 10.14 2.18 35.14
C GLY A 27 9.07 1.23 34.73
N ALA A 28 8.94 0.11 35.43
CA ALA A 28 7.98 -0.86 35.07
C ALA A 28 6.60 -0.34 35.14
N ASP A 29 6.34 0.55 36.11
CA ASP A 29 5.05 1.16 36.25
C ASP A 29 4.62 2.02 35.04
N SER A 30 5.55 2.48 34.26
CA SER A 30 5.23 3.34 33.09
C SER A 30 5.11 2.58 31.76
N VAL A 31 5.17 1.25 31.80
CA VAL A 31 5.25 0.42 30.55
C VAL A 31 4.25 -0.69 30.60
N LEU A 32 3.37 -0.77 29.60
CA LEU A 32 2.38 -1.82 29.55
C LEU A 32 2.62 -2.55 28.22
N VAL A 33 2.65 -3.87 28.25
CA VAL A 33 2.93 -4.63 27.01
C VAL A 33 1.87 -5.68 26.84
N SER A 34 1.64 -6.05 25.62
CA SER A 34 0.60 -6.99 25.35
C SER A 34 0.93 -7.86 24.16
N ASP A 35 0.20 -8.98 24.01
CA ASP A 35 0.39 -9.90 22.91
C ASP A 35 -0.85 -10.80 22.88
N VAL A 36 -1.08 -11.41 21.72
CA VAL A 36 -2.24 -12.27 21.50
C VAL A 36 -2.04 -13.57 22.26
N VAL A 37 -0.78 -13.93 22.50
CA VAL A 37 -0.44 -15.14 23.23
C VAL A 37 -0.04 -14.77 24.67
N GLU A 38 -0.24 -15.69 25.61
CA GLU A 38 0.37 -15.50 26.96
C GLU A 38 1.78 -16.08 27.03
N PRO A 39 2.68 -15.44 27.77
CA PRO A 39 4.06 -15.98 27.72
C PRO A 39 4.17 -17.30 28.47
N GLY A 40 4.96 -18.21 27.91
CA GLY A 40 5.31 -19.48 28.53
C GLY A 40 6.28 -19.24 29.64
N ALA A 41 6.37 -20.21 30.53
CA ALA A 41 7.11 -20.05 31.79
C ALA A 41 8.57 -19.66 31.60
N LYS A 42 9.22 -20.01 30.51
CA LYS A 42 10.60 -19.59 30.29
C LYS A 42 10.81 -18.31 29.49
N HIS A 43 9.74 -17.66 29.10
CA HIS A 43 9.87 -16.38 28.40
C HIS A 43 10.44 -15.32 29.35
N PRO A 44 11.35 -14.45 28.86
CA PRO A 44 11.81 -13.35 29.67
C PRO A 44 10.75 -12.44 30.25
N LEU A 45 9.57 -12.38 29.66
CA LEU A 45 8.52 -11.57 30.20
C LEU A 45 7.54 -12.30 31.11
N ALA A 46 7.72 -13.60 31.34
CA ALA A 46 6.79 -14.34 32.15
C ALA A 46 6.96 -13.83 33.57
N GLY A 47 5.85 -13.83 34.30
CA GLY A 47 5.94 -13.51 35.76
C GLY A 47 6.06 -12.01 36.05
N LEU A 48 6.04 -11.16 35.02
CA LEU A 48 6.10 -9.72 35.17
C LEU A 48 4.73 -9.08 35.10
N LYS A 49 4.59 -7.99 35.85
CA LYS A 49 3.37 -7.22 35.94
C LYS A 49 3.30 -6.37 34.69
N GLY A 50 2.12 -5.96 34.29
CA GLY A 50 2.04 -5.12 33.08
C GLY A 50 2.28 -5.86 31.75
N VAL A 51 1.91 -7.13 31.69
CA VAL A 51 2.00 -8.00 30.49
C VAL A 51 0.59 -8.56 30.35
N GLU A 52 -0.12 -8.14 29.32
CA GLU A 52 -1.54 -8.46 29.10
C GLU A 52 -1.80 -9.23 27.83
N LYS A 53 -2.91 -9.96 27.85
CA LYS A 53 -3.35 -10.70 26.66
C LYS A 53 -4.26 -9.76 25.88
N LEU A 54 -3.88 -9.47 24.64
CA LEU A 54 -4.68 -8.62 23.77
C LEU A 54 -4.49 -9.09 22.33
N ASP A 55 -5.58 -9.38 21.66
CA ASP A 55 -5.57 -9.63 20.20
C ASP A 55 -5.85 -8.25 19.56
N CYS A 56 -4.89 -7.72 18.79
CA CYS A 56 -5.05 -6.39 18.24
C CYS A 56 -6.04 -6.39 17.09
N LEU A 57 -6.53 -7.56 16.69
CA LEU A 57 -7.66 -7.59 15.72
C LEU A 57 -9.04 -7.37 16.39
N ASP A 58 -9.05 -7.37 17.72
CA ASP A 58 -10.29 -7.11 18.52
C ASP A 58 -10.25 -5.60 18.81
N SER A 59 -10.82 -4.82 17.92
CA SER A 59 -10.69 -3.35 18.04
C SER A 59 -11.32 -2.82 19.34
N ASN A 60 -12.41 -3.39 19.81
CA ASN A 60 -12.94 -2.91 21.08
C ASN A 60 -11.99 -3.21 22.25
N GLY A 61 -11.37 -4.39 22.28
CA GLY A 61 -10.40 -4.71 23.31
C GLY A 61 -9.19 -3.83 23.26
N PHE A 62 -8.68 -3.56 22.05
CA PHE A 62 -7.54 -2.69 21.85
C PHE A 62 -7.89 -1.29 22.36
N GLU A 63 -9.06 -0.78 22.04
CA GLU A 63 -9.51 0.50 22.51
C GLU A 63 -9.64 0.55 24.04
N LYS A 64 -10.19 -0.50 24.65
CA LYS A 64 -10.34 -0.57 26.11
C LYS A 64 -9.02 -0.44 26.85
N LEU A 65 -8.00 -1.21 26.41
CA LEU A 65 -6.70 -1.19 26.98
C LEU A 65 -6.05 0.20 26.88
N VAL A 66 -6.16 0.83 25.70
CA VAL A 66 -5.51 2.11 25.48
C VAL A 66 -6.17 3.15 26.33
N LYS A 67 -7.49 3.10 26.39
CA LYS A 67 -8.21 4.11 27.20
C LYS A 67 -7.89 4.08 28.65
N GLU A 68 -7.75 2.89 29.22
CA GLU A 68 -7.37 2.70 30.62
C GLU A 68 -5.97 3.04 30.96
N PHE A 69 -5.00 2.64 30.13
CA PHE A 69 -3.63 2.90 30.41
C PHE A 69 -3.19 4.35 30.07
N LYS A 70 -3.80 4.97 29.07
CA LYS A 70 -3.46 6.30 28.58
C LYS A 70 -2.00 6.48 28.18
N PRO A 71 -1.54 5.67 27.20
CA PRO A 71 -0.19 5.76 26.79
C PRO A 71 0.11 7.10 26.12
N THR A 72 1.30 7.59 26.29
CA THR A 72 1.73 8.68 25.46
C THR A 72 2.55 8.24 24.25
N TRP A 73 3.13 7.02 24.34
CA TRP A 73 3.91 6.43 23.28
C TRP A 73 3.35 5.02 23.05
N MET A 74 3.36 4.58 21.79
CA MET A 74 3.03 3.17 21.51
C MET A 74 4.03 2.66 20.45
N TYR A 75 4.51 1.44 20.66
CA TYR A 75 5.25 0.64 19.68
C TYR A 75 4.35 -0.47 19.23
N HIS A 76 3.86 -0.36 18.00
CA HIS A 76 3.00 -1.41 17.47
C HIS A 76 3.73 -2.41 16.64
N LEU A 77 3.96 -3.60 17.22
CA LEU A 77 4.85 -4.57 16.59
C LEU A 77 4.25 -5.81 15.90
N PRO A 78 2.93 -6.07 16.03
CA PRO A 78 2.48 -7.33 15.42
C PRO A 78 2.60 -7.25 13.91
N ALA A 79 3.18 -8.28 13.31
CA ALA A 79 3.15 -8.41 11.84
C ALA A 79 3.65 -9.80 11.47
N ILE A 80 3.14 -10.30 10.34
CA ILE A 80 3.61 -11.53 9.76
C ILE A 80 4.68 -11.17 8.72
N MET A 81 5.87 -11.78 8.84
CA MET A 81 7.02 -11.33 8.10
C MET A 81 7.24 -12.13 6.81
N SER A 82 8.41 -11.99 6.17
CA SER A 82 8.52 -12.31 4.77
C SER A 82 8.23 -13.73 4.41
N VAL A 83 9.00 -14.66 4.99
CA VAL A 83 8.79 -16.06 4.58
C VAL A 83 7.40 -16.55 5.02
N ARG A 84 7.07 -16.35 6.27
CA ARG A 84 5.77 -16.82 6.73
C ARG A 84 4.61 -16.21 5.97
N GLY A 85 4.70 -14.91 5.65
CA GLY A 85 3.62 -14.27 4.92
C GLY A 85 3.41 -14.85 3.55
N GLU A 86 4.48 -15.29 2.88
CA GLU A 86 4.29 -15.88 1.56
C GLU A 86 3.56 -17.22 1.69
N ALA A 87 3.70 -17.88 2.83
CA ALA A 87 3.03 -19.18 3.07
C ALA A 87 1.63 -19.01 3.63
N GLU A 88 1.43 -17.91 4.37
CA GLU A 88 0.17 -17.62 5.03
C GLU A 88 -0.26 -16.17 4.70
N PRO A 89 -0.61 -15.91 3.43
CA PRO A 89 -0.80 -14.49 3.05
C PRO A 89 -2.09 -13.89 3.53
N ASP A 90 -3.14 -14.71 3.71
CA ASP A 90 -4.35 -14.15 4.27
C ASP A 90 -4.14 -13.63 5.69
N LEU A 91 -3.42 -14.42 6.51
CA LEU A 91 -3.07 -13.94 7.84
C LEU A 91 -2.22 -12.67 7.83
N ALA A 92 -1.28 -12.61 6.90
CA ALA A 92 -0.41 -11.41 6.78
C ALA A 92 -1.25 -10.19 6.43
N MET A 93 -2.15 -10.35 5.45
CA MET A 93 -2.99 -9.23 5.07
C MET A 93 -3.92 -8.83 6.20
N ASP A 94 -4.47 -9.76 6.95
CA ASP A 94 -5.33 -9.38 8.10
C ASP A 94 -4.54 -8.66 9.18
N ILE A 95 -3.40 -9.21 9.61
CA ILE A 95 -2.72 -8.70 10.72
C ILE A 95 -2.00 -7.40 10.35
N ASN A 96 -1.32 -7.41 9.21
CA ASN A 96 -0.43 -6.32 8.86
C ASN A 96 -1.21 -5.08 8.45
N VAL A 97 -2.38 -5.22 7.87
CA VAL A 97 -3.18 -4.10 7.44
C VAL A 97 -4.16 -3.75 8.60
N ASN A 98 -4.96 -4.68 9.10
CA ASN A 98 -6.03 -4.26 10.00
C ASN A 98 -5.54 -3.86 11.35
N THR A 99 -4.55 -4.57 11.91
CA THR A 99 -4.12 -4.18 13.27
C THR A 99 -3.46 -2.75 13.20
N THR A 100 -2.70 -2.52 12.13
CA THR A 100 -2.14 -1.18 11.83
C THR A 100 -3.16 -0.11 11.73
N ARG A 101 -4.23 -0.37 10.99
CA ARG A 101 -5.35 0.59 10.88
C ARG A 101 -5.93 0.90 12.29
N TYR A 102 -6.14 -0.13 13.08
CA TYR A 102 -6.69 0.03 14.45
C TYR A 102 -5.70 0.81 15.33
N ALA A 103 -4.41 0.53 15.24
CA ALA A 103 -3.40 1.22 16.01
C ALA A 103 -3.34 2.72 15.68
N LEU A 104 -3.33 3.02 14.40
CA LEU A 104 -3.34 4.44 13.98
C LEU A 104 -4.62 5.14 14.43
N GLU A 105 -5.75 4.50 14.37
CA GLU A 105 -6.98 5.15 14.75
C GLU A 105 -6.96 5.46 16.26
N LEU A 106 -6.43 4.56 17.04
CA LEU A 106 -6.26 4.82 18.50
C LEU A 106 -5.28 5.88 18.80
N ALA A 107 -4.17 5.93 18.04
CA ALA A 107 -3.23 7.01 18.19
C ALA A 107 -3.83 8.36 17.94
N ARG A 108 -4.74 8.44 16.95
CA ARG A 108 -5.44 9.67 16.62
C ARG A 108 -6.40 10.00 17.77
N LYS A 109 -7.23 9.05 18.13
CA LYS A 109 -8.28 9.34 19.07
C LYS A 109 -7.77 9.61 20.49
N TYR A 110 -6.68 8.99 20.88
CA TYR A 110 -6.15 9.02 22.26
C TYR A 110 -4.79 9.73 22.38
N ASN A 111 -4.42 10.49 21.30
CA ASN A 111 -3.25 11.36 21.34
C ASN A 111 -1.90 10.66 21.69
N ILE A 112 -1.54 9.62 20.93
CA ILE A 112 -0.37 8.77 21.17
C ILE A 112 0.67 8.98 20.08
N ARG A 113 1.92 9.17 20.50
CA ARG A 113 3.05 9.10 19.61
C ARG A 113 3.22 7.62 19.21
N ILE A 114 3.15 7.35 17.90
CA ILE A 114 3.07 5.95 17.48
C ILE A 114 4.23 5.59 16.58
N PHE A 115 4.93 4.55 16.96
CA PHE A 115 5.97 3.95 16.17
C PHE A 115 5.41 2.64 15.58
N ILE A 116 5.59 2.49 14.27
CA ILE A 116 5.29 1.20 13.63
C ILE A 116 6.47 0.91 12.72
N PRO A 117 7.18 -0.21 12.95
CA PRO A 117 8.36 -0.42 12.14
C PRO A 117 8.00 -0.78 10.71
N SER A 118 8.81 -0.28 9.79
CA SER A 118 8.86 -0.82 8.42
C SER A 118 10.11 -1.71 8.32
N THR A 119 10.53 -1.98 7.09
CA THR A 119 11.48 -3.02 6.87
C THR A 119 12.14 -2.86 5.54
N ILE A 120 13.34 -3.41 5.44
CA ILE A 120 13.98 -3.56 4.12
C ILE A 120 13.15 -4.34 3.12
N ALA A 121 12.27 -5.22 3.60
CA ALA A 121 11.32 -5.94 2.75
C ALA A 121 10.36 -5.04 1.96
N ALA A 122 10.25 -3.75 2.33
CA ALA A 122 9.37 -2.86 1.67
C ALA A 122 9.97 -2.47 0.27
N PHE A 123 11.26 -2.69 0.11
CA PHE A 123 11.97 -2.48 -1.17
C PHE A 123 11.96 -3.76 -2.04
N GLY A 124 12.01 -3.57 -3.34
CA GLY A 124 12.23 -4.65 -4.26
C GLY A 124 13.27 -4.34 -5.31
N ASP A 125 13.19 -5.00 -6.43
CA ASP A 125 14.39 -4.98 -7.32
C ASP A 125 14.56 -3.67 -8.07
N LYS A 126 13.61 -2.72 -7.99
CA LYS A 126 13.83 -1.36 -8.57
C LYS A 126 14.32 -0.24 -7.65
N CYS A 127 14.66 -0.59 -6.42
CA CYS A 127 14.95 0.38 -5.39
C CYS A 127 16.32 1.03 -5.56
N GLY A 128 17.23 0.41 -6.31
CA GLY A 128 18.67 0.78 -6.24
C GLY A 128 19.26 0.05 -5.05
N LYS A 129 19.79 -1.14 -5.30
CA LYS A 129 20.19 -2.06 -4.24
C LYS A 129 21.51 -1.72 -3.51
N THR A 130 22.26 -0.73 -3.97
CA THR A 130 23.46 -0.29 -3.26
C THR A 130 23.25 1.04 -2.64
N MET A 131 23.41 1.12 -1.32
CA MET A 131 23.14 2.32 -0.59
C MET A 131 21.77 2.93 -0.90
N THR A 132 20.74 2.08 -0.75
CA THR A 132 19.36 2.48 -1.02
C THR A 132 18.93 3.67 -0.25
N LYS A 133 18.38 4.66 -0.97
CA LYS A 133 17.89 5.91 -0.43
C LYS A 133 16.61 5.76 0.36
N ASP A 134 16.30 6.81 1.09
CA ASP A 134 15.06 6.85 1.88
C ASP A 134 13.83 7.00 0.97
N ASP A 135 13.93 7.86 -0.07
CA ASP A 135 12.87 8.01 -1.06
C ASP A 135 13.31 7.41 -2.39
N THR A 136 12.65 6.32 -2.77
CA THR A 136 12.94 5.62 -4.03
C THR A 136 11.67 4.88 -4.48
N ILE A 137 11.81 4.20 -5.60
CA ILE A 137 10.75 3.33 -6.11
C ILE A 137 10.58 2.16 -5.18
N MET A 138 9.32 1.84 -4.86
CA MET A 138 9.03 0.73 -3.96
C MET A 138 8.20 -0.31 -4.67
N ASN A 139 8.80 -1.44 -4.93
CA ASN A 139 8.18 -2.57 -5.64
C ASN A 139 8.45 -3.89 -4.95
N PRO A 140 7.93 -4.05 -3.72
CA PRO A 140 8.23 -5.24 -2.95
C PRO A 140 7.68 -6.50 -3.62
N SER A 141 8.41 -7.62 -3.43
CA SER A 141 8.14 -8.92 -4.08
C SER A 141 7.47 -9.87 -3.10
N THR A 142 7.14 -9.40 -1.87
CA THR A 142 6.46 -10.19 -0.93
C THR A 142 5.21 -9.45 -0.42
N VAL A 143 4.21 -10.21 0.00
CA VAL A 143 2.96 -9.62 0.48
C VAL A 143 3.28 -8.86 1.81
N TYR A 144 4.26 -9.38 2.58
CA TYR A 144 4.72 -8.66 3.77
C TYR A 144 5.22 -7.23 3.39
N GLY A 145 6.13 -7.17 2.40
CA GLY A 145 6.57 -5.86 1.93
C GLY A 145 5.48 -4.98 1.43
N VAL A 146 4.56 -5.54 0.66
CA VAL A 146 3.40 -4.78 0.21
C VAL A 146 2.64 -4.13 1.36
N THR A 147 2.39 -4.91 2.40
CA THR A 147 1.68 -4.39 3.54
C THR A 147 2.45 -3.36 4.32
N LYS A 148 3.77 -3.44 4.28
CA LYS A 148 4.60 -2.43 4.95
C LYS A 148 4.71 -1.14 4.15
N VAL A 149 4.65 -1.16 2.83
CA VAL A 149 4.50 0.10 2.09
C VAL A 149 3.18 0.76 2.47
N TYR A 150 2.09 -0.02 2.49
CA TYR A 150 0.81 0.48 2.98
C TYR A 150 0.91 1.12 4.37
N THR A 151 1.61 0.44 5.30
CA THR A 151 1.76 0.97 6.67
C THR A 151 2.48 2.33 6.63
N GLU A 152 3.54 2.46 5.86
CA GLU A 152 4.29 3.73 5.81
C GLU A 152 3.39 4.82 5.23
N LEU A 153 2.74 4.55 4.12
CA LEU A 153 1.94 5.57 3.46
C LEU A 153 0.70 5.95 4.29
N LEU A 154 0.07 4.95 4.94
CA LEU A 154 -1.06 5.22 5.83
C LEU A 154 -0.64 6.04 7.08
N GLY A 155 0.46 5.66 7.71
CA GLY A 155 0.95 6.38 8.83
C GLY A 155 1.33 7.82 8.49
N THR A 156 1.93 7.97 7.33
CA THR A 156 2.27 9.32 6.87
C THR A 156 1.00 10.18 6.59
N TRP A 157 0.00 9.58 6.00
CA TRP A 157 -1.28 10.25 5.79
C TRP A 157 -1.92 10.65 7.15
N TYR A 158 -1.80 9.78 8.19
CA TYR A 158 -2.36 10.15 9.48
C TYR A 158 -1.63 11.42 10.02
N ARG A 159 -0.33 11.51 9.80
CA ARG A 159 0.44 12.65 10.24
C ARG A 159 0.03 13.92 9.47
N GLN A 160 -0.09 13.82 8.14
CA GLN A 160 -0.48 14.98 7.34
C GLN A 160 -1.89 15.46 7.53
N LYS A 161 -2.80 14.54 7.64
CA LYS A 161 -4.20 14.86 7.77
C LYS A 161 -4.65 15.27 9.19
N TYR A 162 -4.19 14.53 10.19
CA TYR A 162 -4.68 14.69 11.54
C TYR A 162 -3.64 15.26 12.52
N GLY A 163 -2.39 15.32 12.11
CA GLY A 163 -1.30 15.74 12.98
C GLY A 163 -0.77 14.66 13.88
N VAL A 164 -1.20 13.39 13.71
CA VAL A 164 -0.73 12.29 14.51
C VAL A 164 0.79 12.15 14.40
N ASP A 165 1.44 11.95 15.53
CA ASP A 165 2.90 11.84 15.53
C ASP A 165 3.31 10.37 15.28
N PHE A 166 3.26 9.99 14.00
CA PHE A 166 3.72 8.73 13.45
C PHE A 166 5.17 8.81 13.09
N ARG A 167 5.89 7.78 13.54
CA ARG A 167 7.33 7.63 13.35
C ARG A 167 7.66 6.21 13.00
N SER A 168 8.57 6.04 12.06
CA SER A 168 8.91 4.74 11.59
C SER A 168 10.39 4.67 11.17
N VAL A 169 10.97 3.49 11.30
CA VAL A 169 12.21 3.21 10.59
C VAL A 169 12.07 1.98 9.79
N ARG A 170 12.84 1.88 8.73
CA ARG A 170 12.91 0.63 7.97
C ARG A 170 14.02 -0.17 8.57
N LEU A 171 13.67 -1.18 9.26
CA LEU A 171 14.67 -1.97 9.97
C LEU A 171 15.30 -2.98 9.01
N PRO A 172 16.58 -3.26 9.22
CA PRO A 172 17.32 -4.29 8.57
C PRO A 172 17.00 -5.59 9.29
N GLY A 173 17.65 -6.67 8.91
CA GLY A 173 17.53 -7.88 9.72
C GLY A 173 18.11 -7.73 11.10
N ILE A 174 17.32 -8.12 12.10
CA ILE A 174 17.70 -7.89 13.50
C ILE A 174 18.16 -9.23 14.09
N ILE A 175 19.30 -9.18 14.77
CA ILE A 175 19.91 -10.37 15.38
C ILE A 175 19.81 -10.20 16.88
N SER A 176 19.38 -11.25 17.58
CA SER A 176 19.34 -11.23 19.05
C SER A 176 19.31 -12.66 19.54
N ALA A 177 19.56 -12.81 20.82
CA ALA A 177 19.75 -14.11 21.46
C ALA A 177 18.50 -14.57 22.22
N ALA A 178 17.69 -13.63 22.73
CA ALA A 178 16.70 -13.96 23.74
C ALA A 178 15.47 -14.75 23.26
N THR A 179 14.81 -14.25 22.21
CA THR A 179 13.55 -14.86 21.67
C THR A 179 13.79 -15.21 20.24
N LEU A 180 13.50 -16.48 19.88
CA LEU A 180 13.72 -16.97 18.51
C LEU A 180 12.88 -16.23 17.50
N PRO A 181 13.40 -16.16 16.25
CA PRO A 181 12.72 -15.21 15.31
C PRO A 181 11.45 -15.77 14.73
N GLY A 182 10.69 -14.89 14.08
CA GLY A 182 9.24 -15.24 13.72
C GLY A 182 8.94 -15.66 12.30
N GLY A 183 9.95 -16.06 11.50
CA GLY A 183 9.68 -16.59 10.13
C GLY A 183 9.95 -15.55 9.04
N GLY A 184 11.10 -14.92 9.14
CA GLY A 184 11.59 -13.98 8.10
C GLY A 184 12.76 -14.64 7.38
N ALA A 185 13.22 -14.01 6.29
CA ALA A 185 14.30 -14.55 5.52
C ALA A 185 15.64 -14.41 6.22
N THR A 186 15.77 -13.47 7.16
CA THR A 186 17.06 -13.28 7.82
C THR A 186 17.27 -14.20 9.01
N ASP A 187 16.30 -15.05 9.28
CA ASP A 187 16.36 -15.98 10.44
C ASP A 187 17.55 -16.96 10.38
N TYR A 188 18.06 -17.30 9.18
CA TYR A 188 19.24 -18.16 9.13
C TYR A 188 20.39 -17.75 10.04
N ALA A 189 20.55 -16.45 10.31
CA ALA A 189 21.73 -15.94 11.02
C ALA A 189 21.69 -16.42 12.47
N ILE A 190 20.48 -16.33 13.04
CA ILE A 190 20.31 -16.75 14.42
C ILE A 190 20.50 -18.26 14.49
N HIS A 191 19.89 -18.98 13.52
CA HIS A 191 19.92 -20.42 13.53
C HIS A 191 21.37 -20.88 13.34
N MET A 192 22.18 -20.14 12.60
CA MET A 192 23.59 -20.57 12.47
C MET A 192 24.39 -20.51 13.75
N TYR A 193 24.09 -19.57 14.66
CA TYR A 193 24.78 -19.50 15.95
C TYR A 193 24.35 -20.73 16.80
N HIS A 194 23.07 -21.11 16.72
CA HIS A 194 22.58 -22.26 17.48
C HIS A 194 23.26 -23.50 16.98
N SER A 195 23.34 -23.66 15.65
CA SER A 195 23.97 -24.84 15.06
C SER A 195 25.45 -24.92 15.43
N ALA A 196 26.14 -23.78 15.42
CA ALA A 196 27.51 -23.77 15.83
C ALA A 196 27.66 -24.22 17.28
N LEU A 197 26.77 -23.81 18.18
CA LEU A 197 26.95 -24.17 19.58
C LEU A 197 26.58 -25.63 19.82
N LEU A 198 25.64 -26.18 19.04
CA LEU A 198 25.29 -27.61 19.18
C LEU A 198 26.20 -28.56 18.38
N GLN A 199 27.10 -28.00 17.59
CA GLN A 199 27.89 -28.75 16.62
C GLN A 199 27.09 -29.63 15.66
N LYS A 200 25.94 -29.14 15.17
CA LYS A 200 25.16 -29.81 14.14
C LYS A 200 25.35 -29.14 12.82
N LYS A 201 25.03 -29.88 11.77
CA LYS A 201 25.02 -29.34 10.42
C LYS A 201 23.95 -28.26 10.28
N CYS A 202 24.33 -27.12 9.72
CA CYS A 202 23.43 -26.01 9.51
C CYS A 202 23.02 -26.06 8.04
N VAL A 203 21.73 -26.16 7.76
CA VAL A 203 21.29 -26.09 6.38
C VAL A 203 20.81 -24.64 6.18
N CYS A 204 21.55 -23.83 5.41
CA CYS A 204 21.23 -22.40 5.25
C CYS A 204 20.48 -22.16 3.97
N PRO A 205 19.24 -21.61 4.06
CA PRO A 205 18.44 -21.42 2.83
C PRO A 205 18.72 -20.14 2.06
N VAL A 206 19.76 -19.36 2.49
CA VAL A 206 20.21 -18.20 1.76
C VAL A 206 21.60 -18.54 1.19
N LEU A 207 21.82 -18.21 -0.06
CA LEU A 207 23.10 -18.57 -0.72
C LEU A 207 24.22 -17.76 -0.10
N PRO A 208 25.47 -18.27 -0.23
CA PRO A 208 26.55 -17.86 0.67
C PRO A 208 27.00 -16.45 0.55
N TYR A 209 26.77 -15.83 -0.62
CA TYR A 209 27.22 -14.48 -0.89
C TYR A 209 26.11 -13.48 -0.99
N GLU A 210 24.90 -13.86 -0.55
CA GLU A 210 23.80 -12.92 -0.58
C GLU A 210 23.85 -11.98 0.61
N SER A 211 24.30 -10.77 0.36
CA SER A 211 24.56 -9.85 1.45
C SER A 211 23.29 -9.05 1.77
N LEU A 212 23.01 -8.85 3.04
CA LEU A 212 21.89 -8.03 3.46
C LEU A 212 22.25 -7.06 4.61
N PRO A 213 21.49 -5.96 4.76
CA PRO A 213 21.66 -5.04 5.84
C PRO A 213 21.22 -5.78 7.12
N MET A 214 21.97 -5.65 8.23
CA MET A 214 21.62 -6.26 9.48
C MET A 214 21.98 -5.31 10.60
N MET A 215 21.51 -5.63 11.79
CA MET A 215 21.87 -4.88 12.98
C MET A 215 21.74 -5.76 14.21
N TYR A 216 22.64 -5.57 15.17
CA TYR A 216 22.51 -6.28 16.44
C TYR A 216 21.56 -5.58 17.39
N MET A 217 20.77 -6.33 18.15
CA MET A 217 19.71 -5.80 18.99
C MET A 217 20.05 -4.61 19.86
N PRO A 218 21.22 -4.59 20.55
CA PRO A 218 21.48 -3.39 21.40
C PRO A 218 21.46 -2.05 20.67
N ASP A 219 21.98 -2.03 19.45
CA ASP A 219 21.91 -0.88 18.59
C ASP A 219 20.45 -0.57 18.15
N THR A 220 19.67 -1.61 17.87
CA THR A 220 18.30 -1.47 17.49
C THR A 220 17.53 -0.80 18.58
N LEU A 221 17.72 -1.31 19.77
CA LEU A 221 17.00 -0.75 20.97
C LEU A 221 17.42 0.72 21.21
N ASN A 222 18.72 1.03 21.12
CA ASN A 222 19.15 2.43 21.22
C ASN A 222 18.39 3.30 20.23
N SER A 223 18.31 2.91 18.97
CA SER A 223 17.63 3.71 17.96
C SER A 223 16.12 3.79 18.10
N LEU A 224 15.50 2.66 18.44
CA LEU A 224 14.06 2.69 18.69
C LEU A 224 13.64 3.62 19.81
N VAL A 225 14.47 3.73 20.85
CA VAL A 225 14.19 4.74 21.87
C VAL A 225 14.53 6.15 21.42
N LYS A 226 15.70 6.33 20.81
CA LYS A 226 16.17 7.65 20.38
C LYS A 226 15.20 8.33 19.39
N ILE A 227 14.69 7.55 18.45
CA ILE A 227 13.78 8.16 17.48
C ILE A 227 12.50 8.68 18.15
N MET A 228 12.06 7.95 19.19
CA MET A 228 10.85 8.30 19.91
C MET A 228 11.03 9.47 20.90
N GLU A 229 12.23 9.61 21.39
CA GLU A 229 12.60 10.74 22.24
C GLU A 229 12.82 12.03 21.50
N ALA A 230 13.14 11.94 20.22
CA ALA A 230 13.59 13.10 19.44
C ALA A 230 12.42 14.16 19.46
N PRO A 231 12.81 15.42 19.55
CA PRO A 231 11.74 16.40 19.34
C PRO A 231 11.36 16.51 17.84
N LEU A 232 10.10 16.84 17.58
CA LEU A 232 9.63 16.99 16.21
C LEU A 232 10.45 17.92 15.39
N GLU A 233 11.03 18.94 15.98
CA GLU A 233 11.77 19.90 15.14
C GLU A 233 13.03 19.33 14.48
N LYS A 234 13.53 18.23 15.02
CA LYS A 234 14.64 17.51 14.41
C LYS A 234 14.25 16.60 13.23
N LEU A 235 12.99 16.22 13.14
CA LEU A 235 12.58 15.15 12.20
C LEU A 235 12.15 15.76 10.86
N THR A 236 12.81 15.45 9.79
CA THR A 236 12.42 15.98 8.50
C THR A 236 11.58 14.99 7.75
N ARG A 237 11.44 13.78 8.32
CA ARG A 237 10.76 12.67 7.63
C ARG A 237 9.92 11.91 8.64
N THR A 238 8.92 11.17 8.17
CA THR A 238 8.28 10.18 9.05
C THR A 238 8.91 8.81 9.01
N VAL A 239 9.55 8.42 7.90
CA VAL A 239 10.09 7.10 7.74
C VAL A 239 11.59 7.19 7.40
N TYR A 240 12.43 6.58 8.20
CA TYR A 240 13.86 6.60 8.03
C TYR A 240 14.45 5.19 7.78
N ASN A 241 15.38 5.07 6.85
CA ASN A 241 16.24 3.87 6.79
C ASN A 241 17.15 3.94 8.01
N ILE A 242 17.45 2.79 8.62
CA ILE A 242 18.58 2.66 9.52
C ILE A 242 19.30 1.36 9.23
N THR A 243 20.59 1.37 9.39
CA THR A 243 21.32 0.08 9.28
C THR A 243 22.45 0.00 10.29
N GLY A 244 22.94 -1.22 10.48
CA GLY A 244 24.04 -1.54 11.34
C GLY A 244 25.23 -1.83 10.46
N PHE A 245 25.21 -2.99 9.81
CA PHE A 245 26.24 -3.42 8.89
C PHE A 245 25.69 -4.48 7.99
N SER A 246 26.29 -4.66 6.82
CA SER A 246 25.80 -5.70 5.92
C SER A 246 26.67 -6.93 6.02
N PHE A 247 26.07 -8.10 5.87
CA PHE A 247 26.82 -9.36 5.76
C PHE A 247 26.11 -10.46 4.99
N SER A 248 26.90 -11.39 4.49
CA SER A 248 26.40 -12.58 3.80
C SER A 248 26.56 -13.76 4.73
N PRO A 249 25.88 -14.87 4.42
CA PRO A 249 26.00 -16.05 5.28
C PRO A 249 27.42 -16.58 5.42
N SER A 250 28.20 -16.45 4.35
CA SER A 250 29.59 -16.92 4.38
C SER A 250 30.44 -16.03 5.27
N GLU A 251 30.13 -14.73 5.28
CA GLU A 251 30.75 -13.82 6.21
C GLU A 251 30.43 -14.10 7.64
N LEU A 252 29.15 -14.36 7.92
CA LEU A 252 28.79 -14.76 9.27
C LEU A 252 29.49 -16.04 9.74
N ARG A 253 29.57 -16.98 8.84
CA ARG A 253 30.17 -18.26 9.17
C ARG A 253 31.63 -18.00 9.60
N PHE A 254 32.32 -17.22 8.83
CA PHE A 254 33.73 -16.87 9.14
C PHE A 254 33.85 -16.19 10.47
N SER A 255 32.93 -15.26 10.83
CA SER A 255 32.93 -14.61 12.11
C SER A 255 32.74 -15.55 13.26
N ILE A 256 31.85 -16.50 13.06
CA ILE A 256 31.59 -17.50 14.12
C ILE A 256 32.81 -18.39 14.24
N GLU A 257 33.45 -18.75 13.12
CA GLU A 257 34.57 -19.72 13.21
C GLU A 257 35.80 -19.08 13.85
N ARG A 258 35.96 -17.77 13.69
CA ARG A 258 37.00 -17.00 14.37
C ARG A 258 36.81 -17.02 15.88
N CYS A 259 35.60 -17.17 16.38
CA CYS A 259 35.35 -17.15 17.83
C CYS A 259 35.53 -18.48 18.44
N THR A 260 35.04 -19.49 17.77
CA THR A 260 35.00 -20.80 18.36
C THR A 260 36.23 -21.64 17.98
N ASP A 261 37.03 -21.16 17.01
CA ASP A 261 38.12 -21.92 16.41
C ASP A 261 37.72 -23.33 16.01
N ARG A 262 36.46 -23.46 15.60
CA ARG A 262 35.88 -24.72 15.22
C ARG A 262 35.13 -24.44 13.95
N THR A 263 35.21 -25.34 13.00
CA THR A 263 34.49 -25.21 11.74
C THR A 263 33.05 -25.64 11.89
N ILE A 264 32.15 -24.85 11.33
CA ILE A 264 30.78 -25.27 11.30
C ILE A 264 30.50 -25.88 9.96
N GLU A 265 29.65 -26.89 10.00
CA GLU A 265 29.23 -27.61 8.83
C GLU A 265 27.99 -26.86 8.34
N VAL A 266 28.05 -26.33 7.14
CA VAL A 266 26.94 -25.54 6.60
C VAL A 266 26.73 -26.02 5.19
N GLU A 267 25.49 -26.33 4.82
CA GLU A 267 25.10 -26.64 3.44
C GLU A 267 24.21 -25.52 2.92
N TYR A 268 24.61 -24.90 1.83
CA TYR A 268 23.82 -23.84 1.27
C TYR A 268 22.88 -24.33 0.21
N VAL A 269 21.66 -23.83 0.28
CA VAL A 269 20.61 -24.17 -0.69
C VAL A 269 19.78 -22.96 -1.08
N GLU A 270 19.18 -23.03 -2.27
CA GLU A 270 18.43 -21.91 -2.78
C GLU A 270 16.98 -22.16 -2.29
N GLY A 271 16.72 -21.86 -1.00
CA GLY A 271 15.40 -22.00 -0.33
C GLY A 271 14.50 -20.80 -0.58
N PRO A 272 13.28 -20.76 0.03
CA PRO A 272 12.36 -19.63 -0.24
C PRO A 272 12.97 -18.30 0.17
N ALA A 273 13.70 -18.36 1.26
CA ALA A 273 14.36 -17.20 1.76
C ALA A 273 15.30 -16.57 0.74
N GLN A 274 15.96 -17.37 -0.10
CA GLN A 274 16.96 -16.82 -1.01
C GLN A 274 16.29 -15.94 -2.07
N LYS A 275 15.16 -16.39 -2.64
CA LYS A 275 14.55 -15.62 -3.70
C LYS A 275 14.03 -14.24 -3.15
N ILE A 276 13.59 -14.29 -1.91
CA ILE A 276 13.17 -13.03 -1.19
C ILE A 276 14.35 -12.10 -0.92
N ALA A 277 15.40 -12.65 -0.32
CA ALA A 277 16.56 -11.87 0.09
C ALA A 277 17.25 -11.25 -1.12
N ASN A 278 17.26 -11.98 -2.21
CA ASN A 278 17.84 -11.48 -3.44
C ASN A 278 17.12 -10.25 -4.02
N SER A 279 15.85 -10.03 -3.67
CA SER A 279 15.16 -8.87 -4.11
C SER A 279 15.39 -7.66 -3.26
N TRP A 280 16.08 -7.77 -2.15
CA TRP A 280 16.20 -6.69 -1.18
C TRP A 280 17.55 -6.01 -1.37
N PRO A 281 17.70 -4.80 -0.84
CA PRO A 281 18.95 -4.07 -0.90
C PRO A 281 20.10 -4.85 -0.35
N ASP A 282 21.29 -4.56 -0.87
CA ASP A 282 22.53 -5.06 -0.25
C ASP A 282 22.99 -4.17 0.89
N SER A 283 22.72 -2.87 0.80
CA SER A 283 23.09 -1.91 1.86
C SER A 283 22.15 -0.71 1.79
N LEU A 284 21.98 -0.02 2.93
CA LEU A 284 21.14 1.15 3.02
C LEU A 284 21.91 2.41 3.29
N ASP A 285 21.40 3.52 2.72
CA ASP A 285 21.85 4.87 3.08
C ASP A 285 21.00 5.36 4.26
N ASP A 286 21.59 5.49 5.43
CA ASP A 286 20.86 6.00 6.59
C ASP A 286 21.42 7.36 7.08
N SER A 287 21.88 8.11 6.11
CA SER A 287 22.44 9.42 6.42
C SER A 287 21.41 10.40 7.01
N ASN A 288 20.15 10.35 6.56
CA ASN A 288 19.14 11.24 7.12
C ASN A 288 18.88 10.96 8.60
N ALA A 289 18.85 9.68 8.99
CA ALA A 289 18.62 9.31 10.36
C ALA A 289 19.81 9.71 11.23
N ARG A 290 21.00 9.58 10.67
CA ARG A 290 22.24 9.95 11.43
C ARG A 290 22.20 11.48 11.66
N ASN A 291 21.87 12.19 10.61
CA ASN A 291 21.90 13.64 10.70
C ASN A 291 20.76 14.23 11.54
N ASP A 292 19.55 13.72 11.38
CA ASP A 292 18.38 14.28 12.04
C ASP A 292 18.29 13.95 13.50
N TRP A 293 18.45 12.69 13.88
CA TRP A 293 18.25 12.26 15.28
C TRP A 293 19.35 11.40 15.89
N GLY A 294 20.46 11.33 15.19
CA GLY A 294 21.69 10.76 15.75
C GLY A 294 21.76 9.24 15.85
N HIS A 295 21.11 8.56 14.91
CA HIS A 295 21.23 7.09 14.85
C HIS A 295 22.72 6.78 14.82
N GLN A 296 23.12 5.80 15.64
CA GLN A 296 24.52 5.41 15.73
C GLN A 296 24.61 3.88 15.99
N VAL A 297 25.77 3.27 15.64
CA VAL A 297 25.95 1.83 15.78
C VAL A 297 27.26 1.52 16.53
N LYS A 298 27.17 0.72 17.58
CA LYS A 298 28.33 0.28 18.38
C LYS A 298 28.90 -1.06 17.88
N TYR A 299 28.04 -2.01 17.48
CA TYR A 299 28.49 -3.36 17.15
C TYR A 299 28.87 -3.55 15.68
N ASP A 300 30.00 -4.25 15.45
CA ASP A 300 30.34 -4.85 14.21
C ASP A 300 30.16 -6.37 14.34
N ILE A 301 30.43 -7.05 13.24
CA ILE A 301 30.06 -8.48 13.09
C ILE A 301 30.77 -9.27 14.17
N ASP A 302 32.03 -8.95 14.44
CA ASP A 302 32.73 -9.79 15.43
C ASP A 302 32.32 -9.58 16.84
N MET A 303 32.09 -8.30 17.23
CA MET A 303 31.53 -8.04 18.53
C MET A 303 30.20 -8.71 18.73
N MET A 304 29.37 -8.70 17.67
CA MET A 304 28.06 -9.32 17.70
C MET A 304 28.22 -10.82 17.94
N SER A 305 29.05 -11.44 17.14
CA SER A 305 29.24 -12.89 17.28
C SER A 305 29.74 -13.30 18.66
N GLU A 306 30.70 -12.57 19.21
CA GLU A 306 31.18 -12.84 20.57
C GLU A 306 30.08 -12.80 21.57
N ASP A 307 29.26 -11.73 21.50
CA ASP A 307 28.15 -11.57 22.44
C ASP A 307 27.11 -12.67 22.22
N MET A 308 26.74 -12.99 20.99
CA MET A 308 25.71 -14.02 20.78
C MET A 308 26.14 -15.40 21.30
N LEU A 309 27.36 -15.77 21.01
CA LEU A 309 27.90 -17.06 21.49
C LEU A 309 28.03 -17.13 23.01
N ARG A 310 28.25 -15.99 23.65
CA ARG A 310 28.20 -15.91 25.10
C ARG A 310 26.77 -15.98 25.64
N GLN A 311 25.83 -15.30 25.00
CA GLN A 311 24.47 -15.26 25.52
C GLN A 311 23.52 -16.42 25.25
N ILE A 312 23.60 -17.06 24.10
CA ILE A 312 22.66 -18.16 23.77
C ILE A 312 22.81 -19.31 24.78
N PRO A 313 24.04 -19.62 25.16
CA PRO A 313 24.12 -20.72 26.15
C PRO A 313 23.47 -20.37 27.48
N ILE A 314 23.68 -19.14 27.89
CA ILE A 314 23.16 -18.65 29.14
C ILE A 314 21.62 -18.62 29.11
N LEU A 315 21.04 -18.10 28.01
CA LEU A 315 19.61 -17.86 27.88
C LEU A 315 18.84 -19.08 27.43
N HIS A 316 19.50 -20.03 26.77
CA HIS A 316 18.75 -21.18 26.26
C HIS A 316 19.32 -22.52 26.73
N GLY A 317 20.43 -22.56 27.47
CA GLY A 317 21.05 -23.85 27.94
C GLY A 317 21.92 -24.66 26.97
N LEU A 318 22.12 -24.13 25.78
CA LEU A 318 23.01 -24.77 24.84
C LEU A 318 24.43 -24.91 25.44
N PRO A 319 25.22 -25.89 24.93
CA PRO A 319 26.61 -26.02 25.39
C PRO A 319 27.41 -24.74 25.14
N SER A 320 28.28 -24.34 26.08
CA SER A 320 29.01 -23.08 25.98
C SER A 320 30.39 -23.17 25.28
N LEU A 321 31.02 -21.99 25.12
CA LEU A 321 32.32 -21.77 24.45
C LEU A 321 32.28 -22.01 22.93
N HIS B 1 -12.38 -17.56 -28.96
CA HIS B 1 -13.77 -17.21 -28.48
C HIS B 1 -13.87 -15.80 -27.87
N MET B 2 -15.06 -15.18 -27.94
CA MET B 2 -15.26 -13.97 -27.20
C MET B 2 -15.16 -14.25 -25.67
N PRO B 3 -14.64 -13.27 -24.92
CA PRO B 3 -14.53 -13.41 -23.45
C PRO B 3 -15.91 -13.38 -22.81
N ARG B 4 -15.97 -13.91 -21.60
CA ARG B 4 -17.09 -13.74 -20.74
C ARG B 4 -16.67 -12.72 -19.70
N VAL B 5 -17.37 -11.60 -19.64
CA VAL B 5 -16.88 -10.44 -18.83
C VAL B 5 -17.78 -10.10 -17.70
N LEU B 6 -17.19 -10.12 -16.49
CA LEU B 6 -17.86 -9.61 -15.25
C LEU B 6 -17.42 -8.19 -14.96
N VAL B 7 -18.37 -7.26 -14.76
CA VAL B 7 -18.06 -5.92 -14.29
C VAL B 7 -18.64 -5.77 -12.87
N THR B 8 -17.79 -5.37 -11.89
CA THR B 8 -18.28 -5.08 -10.54
C THR B 8 -18.19 -3.60 -10.34
N GLY B 9 -19.03 -3.07 -9.45
CA GLY B 9 -19.23 -1.61 -9.31
C GLY B 9 -19.58 -0.94 -10.62
N ALA B 10 -20.48 -1.60 -11.34
CA ALA B 10 -20.73 -1.33 -12.77
C ALA B 10 -21.67 -0.20 -13.06
N LEU B 11 -22.33 0.36 -12.02
CA LEU B 11 -23.36 1.36 -12.26
C LEU B 11 -22.88 2.78 -12.16
N GLY B 12 -21.60 2.95 -11.89
CA GLY B 12 -21.06 4.28 -11.66
C GLY B 12 -20.64 4.92 -12.97
N GLN B 13 -19.85 5.96 -12.86
CA GLN B 13 -19.49 6.72 -14.04
C GLN B 13 -18.76 5.91 -15.15
N ILE B 14 -17.68 5.27 -14.78
CA ILE B 14 -16.97 4.40 -15.70
C ILE B 14 -17.75 3.15 -16.05
N GLY B 15 -18.29 2.47 -15.04
CA GLY B 15 -19.00 1.22 -15.24
C GLY B 15 -20.14 1.31 -16.21
N THR B 16 -20.89 2.42 -16.17
CA THR B 16 -22.10 2.62 -17.00
C THR B 16 -21.65 2.53 -18.43
N ASP B 17 -20.67 3.35 -18.83
CA ASP B 17 -20.31 3.36 -20.28
C ASP B 17 -19.55 2.11 -20.68
N LEU B 18 -18.71 1.60 -19.79
CA LEU B 18 -18.01 0.34 -20.11
C LEU B 18 -18.99 -0.81 -20.27
N SER B 19 -19.95 -0.95 -19.39
CA SER B 19 -20.88 -2.05 -19.47
C SER B 19 -21.67 -2.00 -20.81
N LEU B 20 -22.13 -0.82 -21.20
CA LEU B 20 -22.82 -0.63 -22.47
C LEU B 20 -21.89 -1.03 -23.62
N ALA B 21 -20.61 -0.62 -23.58
CA ALA B 21 -19.71 -0.94 -24.66
C ALA B 21 -19.40 -2.44 -24.78
N LEU B 22 -19.24 -3.11 -23.63
CA LEU B 22 -18.96 -4.52 -23.61
C LEU B 22 -20.16 -5.34 -24.11
N ARG B 23 -21.37 -4.93 -23.74
CA ARG B 23 -22.59 -5.69 -24.16
C ARG B 23 -22.72 -5.57 -25.65
N ASP B 24 -22.39 -4.38 -26.16
CA ASP B 24 -22.49 -4.11 -27.59
C ASP B 24 -21.42 -4.92 -28.34
N LYS B 25 -20.23 -4.97 -27.80
CA LYS B 25 -19.13 -5.59 -28.46
C LYS B 25 -19.22 -7.13 -28.43
N PHE B 26 -19.49 -7.66 -27.26
CA PHE B 26 -19.47 -9.14 -27.06
C PHE B 26 -20.82 -9.85 -27.03
N GLY B 27 -21.90 -9.12 -26.97
CA GLY B 27 -23.23 -9.67 -26.79
C GLY B 27 -23.60 -9.61 -25.33
N ALA B 28 -24.86 -9.33 -25.07
CA ALA B 28 -25.37 -9.26 -23.68
C ALA B 28 -25.21 -10.53 -22.92
N ASP B 29 -25.23 -11.67 -23.56
CA ASP B 29 -25.11 -12.93 -22.78
C ASP B 29 -23.67 -13.22 -22.32
N SER B 30 -22.72 -12.52 -22.90
CA SER B 30 -21.31 -12.72 -22.55
C SER B 30 -20.85 -11.69 -21.52
N VAL B 31 -21.75 -10.87 -21.01
CA VAL B 31 -21.40 -9.81 -20.05
C VAL B 31 -22.34 -9.86 -18.89
N LEU B 32 -21.78 -9.77 -17.66
CA LEU B 32 -22.58 -9.72 -16.40
C LEU B 32 -22.12 -8.45 -15.69
N VAL B 33 -23.06 -7.57 -15.44
CA VAL B 33 -22.70 -6.35 -14.78
C VAL B 33 -23.38 -6.35 -13.41
N SER B 34 -22.60 -5.92 -12.43
CA SER B 34 -23.07 -5.98 -11.02
C SER B 34 -22.70 -4.76 -10.26
N ASP B 35 -23.49 -4.42 -9.23
CA ASP B 35 -23.19 -3.29 -8.35
C ASP B 35 -23.96 -3.49 -7.03
N VAL B 36 -23.56 -2.79 -5.99
CA VAL B 36 -24.21 -2.92 -4.70
C VAL B 36 -25.58 -2.24 -4.73
N VAL B 37 -25.77 -1.39 -5.72
CA VAL B 37 -27.07 -0.66 -5.93
C VAL B 37 -27.70 -1.11 -7.19
N GLU B 38 -29.02 -0.87 -7.27
CA GLU B 38 -29.88 -1.10 -8.44
C GLU B 38 -29.80 0.06 -9.40
N PRO B 39 -29.95 -0.18 -10.73
CA PRO B 39 -30.02 1.01 -11.55
C PRO B 39 -31.30 1.83 -11.25
N GLY B 40 -31.15 3.13 -11.04
CA GLY B 40 -32.34 4.00 -10.91
C GLY B 40 -33.19 4.01 -12.17
N ALA B 41 -34.42 4.49 -12.06
CA ALA B 41 -35.36 4.55 -13.21
C ALA B 41 -34.80 5.17 -14.52
N LYS B 42 -34.03 6.24 -14.39
CA LYS B 42 -33.39 6.91 -15.53
C LYS B 42 -32.02 6.32 -15.96
N HIS B 43 -31.52 5.33 -15.22
CA HIS B 43 -30.17 4.79 -15.53
C HIS B 43 -30.23 4.04 -16.85
N PRO B 44 -29.21 4.20 -17.73
CA PRO B 44 -29.26 3.42 -18.98
C PRO B 44 -29.25 1.86 -18.87
N LEU B 45 -28.85 1.29 -17.73
CA LEU B 45 -28.89 -0.15 -17.59
C LEU B 45 -30.18 -0.66 -16.91
N ALA B 46 -31.12 0.23 -16.58
CA ALA B 46 -32.41 -0.20 -16.01
C ALA B 46 -33.25 -1.16 -16.91
N GLY B 47 -33.92 -2.12 -16.25
CA GLY B 47 -34.77 -3.08 -16.94
C GLY B 47 -34.07 -4.13 -17.79
N LEU B 48 -32.74 -4.18 -17.80
CA LEU B 48 -32.00 -5.11 -18.66
C LEU B 48 -31.63 -6.38 -17.95
N LYS B 49 -31.60 -7.46 -18.71
CA LYS B 49 -31.11 -8.72 -18.21
C LYS B 49 -29.61 -8.64 -18.14
N GLY B 50 -29.05 -9.41 -17.23
CA GLY B 50 -27.62 -9.47 -17.12
C GLY B 50 -27.09 -8.40 -16.21
N VAL B 51 -27.96 -7.85 -15.35
CA VAL B 51 -27.62 -6.80 -14.37
C VAL B 51 -27.97 -7.34 -12.98
N GLU B 52 -26.98 -7.49 -12.10
CA GLU B 52 -27.21 -8.10 -10.79
C GLU B 52 -26.81 -7.20 -9.66
N LYS B 53 -27.30 -7.50 -8.49
CA LYS B 53 -26.87 -6.87 -7.30
C LYS B 53 -25.78 -7.71 -6.62
N LEU B 54 -24.68 -7.08 -6.26
CA LEU B 54 -23.61 -7.74 -5.52
C LEU B 54 -22.90 -6.70 -4.69
N ASP B 55 -22.80 -6.93 -3.40
CA ASP B 55 -21.87 -6.20 -2.54
C ASP B 55 -20.55 -6.95 -2.51
N CYS B 56 -19.51 -6.33 -3.06
CA CYS B 56 -18.22 -7.03 -3.18
C CYS B 56 -17.54 -7.19 -1.81
N LEU B 57 -18.08 -6.60 -0.76
CA LEU B 57 -17.58 -6.87 0.60
C LEU B 57 -18.04 -8.24 1.14
N ASP B 58 -18.99 -8.86 0.45
CA ASP B 58 -19.48 -10.18 0.79
C ASP B 58 -18.72 -11.20 -0.05
N SER B 59 -17.60 -11.63 0.48
CA SER B 59 -16.72 -12.55 -0.31
C SER B 59 -17.42 -13.82 -0.75
N ASN B 60 -18.28 -14.37 0.11
CA ASN B 60 -19.03 -15.55 -0.28
C ASN B 60 -20.02 -15.34 -1.43
N GLY B 61 -20.74 -14.21 -1.46
CA GLY B 61 -21.63 -13.86 -2.54
C GLY B 61 -20.88 -13.50 -3.81
N PHE B 62 -19.71 -12.84 -3.66
CA PHE B 62 -18.82 -12.56 -4.84
C PHE B 62 -18.43 -13.89 -5.52
N GLU B 63 -17.96 -14.85 -4.74
CA GLU B 63 -17.60 -16.21 -5.24
C GLU B 63 -18.80 -16.91 -5.91
N LYS B 64 -19.96 -16.79 -5.30
CA LYS B 64 -21.13 -17.45 -5.88
C LYS B 64 -21.42 -16.94 -7.27
N LEU B 65 -21.34 -15.62 -7.45
CA LEU B 65 -21.61 -15.04 -8.69
C LEU B 65 -20.53 -15.48 -9.72
N VAL B 66 -19.26 -15.48 -9.32
CA VAL B 66 -18.18 -15.87 -10.21
C VAL B 66 -18.33 -17.34 -10.59
N LYS B 67 -18.69 -18.16 -9.63
CA LYS B 67 -18.88 -19.56 -9.92
C LYS B 67 -19.93 -19.86 -10.95
N GLU B 68 -21.02 -19.12 -10.87
CA GLU B 68 -22.18 -19.33 -11.71
C GLU B 68 -21.93 -18.79 -13.09
N PHE B 69 -21.40 -17.55 -13.20
CA PHE B 69 -21.17 -16.95 -14.51
C PHE B 69 -19.92 -17.48 -15.26
N LYS B 70 -18.88 -17.86 -14.52
CA LYS B 70 -17.59 -18.35 -15.06
C LYS B 70 -16.92 -17.36 -16.02
N PRO B 71 -16.63 -16.17 -15.51
CA PRO B 71 -16.01 -15.17 -16.34
C PRO B 71 -14.60 -15.54 -16.75
N THR B 72 -14.13 -15.05 -17.88
CA THR B 72 -12.74 -15.11 -18.23
C THR B 72 -12.02 -13.73 -18.01
N TRP B 73 -12.79 -12.65 -18.01
CA TRP B 73 -12.33 -11.33 -17.68
C TRP B 73 -13.18 -10.77 -16.54
N MET B 74 -12.58 -9.92 -15.75
CA MET B 74 -13.30 -9.12 -14.71
C MET B 74 -12.69 -7.68 -14.73
N TYR B 75 -13.59 -6.69 -14.72
CA TYR B 75 -13.24 -5.29 -14.45
C TYR B 75 -13.80 -4.95 -13.04
N HIS B 76 -12.92 -4.80 -12.07
CA HIS B 76 -13.31 -4.60 -10.68
C HIS B 76 -13.24 -3.09 -10.44
N LEU B 77 -14.40 -2.45 -10.41
CA LEU B 77 -14.45 -0.98 -10.31
C LEU B 77 -14.82 -0.31 -8.98
N PRO B 78 -15.34 -1.05 -7.99
CA PRO B 78 -15.72 -0.25 -6.80
C PRO B 78 -14.54 0.40 -6.07
N ALA B 79 -14.71 1.67 -5.71
CA ALA B 79 -13.71 2.34 -4.89
C ALA B 79 -14.33 3.62 -4.44
N ILE B 80 -13.91 4.07 -3.28
CA ILE B 80 -14.28 5.43 -2.81
C ILE B 80 -13.15 6.39 -3.17
N MET B 81 -13.45 7.49 -3.84
CA MET B 81 -12.45 8.31 -4.46
C MET B 81 -11.97 9.46 -3.54
N SER B 82 -11.23 10.37 -4.09
CA SER B 82 -10.36 11.25 -3.29
C SER B 82 -11.10 12.14 -2.31
N VAL B 83 -12.02 12.99 -2.81
CA VAL B 83 -12.71 13.90 -1.90
C VAL B 83 -13.59 13.17 -0.91
N ARG B 84 -14.39 12.24 -1.39
CA ARG B 84 -15.18 11.47 -0.46
C ARG B 84 -14.40 10.65 0.54
N GLY B 85 -13.26 10.08 0.10
CA GLY B 85 -12.45 9.28 1.02
C GLY B 85 -11.87 10.09 2.18
N GLU B 86 -11.58 11.36 1.91
CA GLU B 86 -11.08 12.21 3.01
C GLU B 86 -12.14 12.50 4.05
N ALA B 87 -13.40 12.59 3.61
CA ALA B 87 -14.56 12.76 4.51
C ALA B 87 -15.03 11.46 5.19
N GLU B 88 -14.88 10.31 4.49
CA GLU B 88 -15.34 8.98 4.91
C GLU B 88 -14.18 7.94 4.82
N PRO B 89 -13.13 8.16 5.58
CA PRO B 89 -11.93 7.32 5.38
C PRO B 89 -12.10 5.92 5.79
N ASP B 90 -12.91 5.66 6.80
CA ASP B 90 -13.09 4.24 7.18
C ASP B 90 -13.79 3.42 6.07
N LEU B 91 -14.76 4.06 5.45
CA LEU B 91 -15.43 3.46 4.28
C LEU B 91 -14.44 3.23 3.11
N ALA B 92 -13.64 4.23 2.78
CA ALA B 92 -12.61 4.09 1.75
C ALA B 92 -11.66 2.96 2.04
N MET B 93 -11.19 2.86 3.29
CA MET B 93 -10.28 1.75 3.56
C MET B 93 -10.94 0.42 3.48
N ASP B 94 -12.21 0.30 3.87
CA ASP B 94 -12.89 -0.99 3.77
C ASP B 94 -13.09 -1.38 2.33
N ILE B 95 -13.69 -0.50 1.53
CA ILE B 95 -14.02 -0.86 0.13
C ILE B 95 -12.74 -1.06 -0.73
N ASN B 96 -11.84 -0.11 -0.64
CA ASN B 96 -10.75 -0.02 -1.57
C ASN B 96 -9.78 -1.14 -1.29
N VAL B 97 -9.61 -1.53 -0.04
CA VAL B 97 -8.68 -2.60 0.34
C VAL B 97 -9.40 -3.95 0.25
N ASN B 98 -10.50 -4.10 0.93
CA ASN B 98 -11.03 -5.48 1.06
C ASN B 98 -11.73 -5.97 -0.19
N THR B 99 -12.45 -5.13 -0.91
CA THR B 99 -13.04 -5.63 -2.15
C THR B 99 -11.97 -6.12 -3.17
N THR B 100 -10.87 -5.38 -3.23
CA THR B 100 -9.74 -5.70 -4.10
C THR B 100 -9.12 -7.02 -3.70
N ARG B 101 -8.87 -7.22 -2.40
CA ARG B 101 -8.40 -8.50 -1.91
C ARG B 101 -9.28 -9.66 -2.38
N TYR B 102 -10.57 -9.48 -2.24
CA TYR B 102 -11.50 -10.52 -2.60
C TYR B 102 -11.51 -10.77 -4.12
N ALA B 103 -11.48 -9.72 -4.91
CA ALA B 103 -11.49 -9.84 -6.36
C ALA B 103 -10.21 -10.59 -6.83
N LEU B 104 -9.03 -10.23 -6.29
CA LEU B 104 -7.80 -10.90 -6.64
C LEU B 104 -7.84 -12.37 -6.26
N GLU B 105 -8.32 -12.70 -5.09
CA GLU B 105 -8.43 -14.09 -4.74
C GLU B 105 -9.28 -14.85 -5.70
N LEU B 106 -10.40 -14.29 -6.10
CA LEU B 106 -11.26 -14.99 -7.02
C LEU B 106 -10.61 -15.10 -8.42
N ALA B 107 -9.87 -14.08 -8.86
CA ALA B 107 -9.10 -14.21 -10.10
C ALA B 107 -8.07 -15.34 -10.07
N ARG B 108 -7.45 -15.53 -8.91
CA ARG B 108 -6.54 -16.60 -8.65
C ARG B 108 -7.30 -17.97 -8.76
N LYS B 109 -8.35 -18.10 -8.01
CA LYS B 109 -8.99 -19.42 -7.80
C LYS B 109 -9.71 -19.79 -9.07
N TYR B 110 -10.21 -18.83 -9.81
CA TYR B 110 -11.05 -19.08 -11.00
C TYR B 110 -10.41 -18.69 -12.36
N ASN B 111 -9.11 -18.41 -12.32
CA ASN B 111 -8.30 -18.16 -13.51
C ASN B 111 -8.87 -17.04 -14.37
N ILE B 112 -9.06 -15.88 -13.78
CA ILE B 112 -9.71 -14.76 -14.44
C ILE B 112 -8.62 -13.71 -14.71
N ARG B 113 -8.60 -13.18 -15.93
CA ARG B 113 -7.87 -11.95 -16.28
C ARG B 113 -8.57 -10.79 -15.63
N ILE B 114 -7.87 -10.08 -14.77
CA ILE B 114 -8.51 -9.06 -13.91
C ILE B 114 -7.93 -7.65 -14.06
N PHE B 115 -8.76 -6.70 -14.34
CA PHE B 115 -8.45 -5.30 -14.44
C PHE B 115 -8.93 -4.59 -13.17
N ILE B 116 -8.04 -3.87 -12.49
CA ILE B 116 -8.44 -3.00 -11.38
C ILE B 116 -7.79 -1.67 -11.67
N PRO B 117 -8.58 -0.62 -11.78
CA PRO B 117 -7.94 0.63 -12.13
C PRO B 117 -7.23 1.29 -10.97
N SER B 118 -6.11 1.93 -11.28
CA SER B 118 -5.45 2.83 -10.36
C SER B 118 -5.74 4.25 -10.84
N THR B 119 -4.93 5.21 -10.39
CA THR B 119 -5.33 6.61 -10.51
C THR B 119 -4.13 7.51 -10.38
N ILE B 120 -4.23 8.68 -11.00
CA ILE B 120 -3.26 9.77 -10.74
C ILE B 120 -3.19 10.13 -9.30
N ALA B 121 -4.23 9.85 -8.53
CA ALA B 121 -4.25 10.09 -7.07
C ALA B 121 -3.27 9.23 -6.26
N ALA B 122 -2.65 8.22 -6.88
CA ALA B 122 -1.68 7.42 -6.23
C ALA B 122 -0.37 8.19 -6.12
N PHE B 123 -0.25 9.23 -6.93
CA PHE B 123 0.91 10.08 -6.85
C PHE B 123 0.72 11.22 -5.85
N GLY B 124 1.84 11.73 -5.36
CA GLY B 124 1.85 12.89 -4.55
C GLY B 124 2.94 13.85 -5.01
N ASP B 125 3.27 14.77 -4.14
CA ASP B 125 4.13 15.92 -4.58
C ASP B 125 5.61 15.56 -4.80
N LYS B 126 6.05 14.34 -4.50
CA LYS B 126 7.35 13.89 -4.81
C LYS B 126 7.49 13.12 -6.12
N CYS B 127 6.41 13.04 -6.91
CA CYS B 127 6.41 12.11 -8.04
C CYS B 127 7.17 12.62 -9.26
N GLY B 128 7.41 13.92 -9.31
CA GLY B 128 7.89 14.55 -10.59
C GLY B 128 6.65 15.01 -11.34
N LYS B 129 6.24 16.27 -11.21
CA LYS B 129 4.89 16.70 -11.59
C LYS B 129 4.67 16.84 -13.11
N THR B 130 5.78 16.88 -13.83
CA THR B 130 5.78 17.03 -15.29
C THR B 130 6.18 15.77 -15.96
N MET B 131 5.25 15.25 -16.77
CA MET B 131 5.50 14.04 -17.51
C MET B 131 5.94 12.91 -16.55
N THR B 132 5.13 12.70 -15.54
CA THR B 132 5.41 11.72 -14.48
C THR B 132 5.62 10.35 -15.05
N LYS B 133 6.71 9.69 -14.64
CA LYS B 133 7.08 8.38 -15.06
C LYS B 133 6.22 7.26 -14.40
N ASP B 134 6.22 6.12 -15.04
CA ASP B 134 5.48 4.95 -14.56
C ASP B 134 6.02 4.46 -13.25
N ASP B 135 7.34 4.47 -13.14
CA ASP B 135 8.03 4.10 -11.86
C ASP B 135 8.67 5.33 -11.25
N THR B 136 8.21 5.72 -10.07
CA THR B 136 8.68 6.90 -9.40
C THR B 136 8.30 6.80 -7.89
N ILE B 137 8.65 7.82 -7.15
CA ILE B 137 8.35 7.91 -5.69
C ILE B 137 6.87 8.11 -5.58
N MET B 138 6.18 7.31 -4.75
CA MET B 138 4.76 7.51 -4.55
C MET B 138 4.46 7.95 -3.11
N ASN B 139 3.97 9.14 -2.99
CA ASN B 139 3.64 9.74 -1.71
C ASN B 139 2.25 10.36 -1.70
N PRO B 140 1.22 9.54 -1.95
CA PRO B 140 -0.15 10.09 -2.02
C PRO B 140 -0.64 10.82 -0.77
N SER B 141 -1.31 11.93 -1.01
CA SER B 141 -1.82 12.79 0.06
C SER B 141 -3.22 12.47 0.53
N THR B 142 -3.89 11.46 -0.09
CA THR B 142 -5.22 11.06 0.24
C THR B 142 -5.23 9.56 0.58
N VAL B 143 -6.19 9.20 1.43
CA VAL B 143 -6.35 7.81 1.80
C VAL B 143 -6.74 6.97 0.56
N TYR B 144 -7.53 7.57 -0.33
CA TYR B 144 -7.76 6.91 -1.64
C TYR B 144 -6.46 6.55 -2.34
N GLY B 145 -5.58 7.51 -2.50
CA GLY B 145 -4.31 7.26 -3.15
C GLY B 145 -3.50 6.18 -2.46
N VAL B 146 -3.48 6.22 -1.13
CA VAL B 146 -2.78 5.21 -0.37
C VAL B 146 -3.35 3.83 -0.71
N THR B 147 -4.67 3.72 -0.73
CA THR B 147 -5.29 2.43 -1.00
C THR B 147 -5.03 1.95 -2.46
N LYS B 148 -4.84 2.89 -3.38
CA LYS B 148 -4.57 2.54 -4.80
C LYS B 148 -3.11 2.15 -5.04
N VAL B 149 -2.20 2.70 -4.26
CA VAL B 149 -0.80 2.18 -4.24
C VAL B 149 -0.82 0.71 -3.77
N TYR B 150 -1.49 0.44 -2.68
CA TYR B 150 -1.69 -0.93 -2.16
C TYR B 150 -2.32 -1.83 -3.23
N THR B 151 -3.34 -1.36 -3.89
CA THR B 151 -3.97 -2.15 -4.99
C THR B 151 -2.93 -2.54 -6.06
N GLU B 152 -2.15 -1.57 -6.52
CA GLU B 152 -1.13 -1.79 -7.61
C GLU B 152 -0.14 -2.81 -7.14
N LEU B 153 0.33 -2.68 -5.90
CA LEU B 153 1.37 -3.55 -5.40
C LEU B 153 0.85 -4.95 -5.13
N LEU B 154 -0.36 -5.04 -4.61
CA LEU B 154 -0.94 -6.32 -4.24
C LEU B 154 -1.27 -7.10 -5.54
N GLY B 155 -1.86 -6.44 -6.53
CA GLY B 155 -2.09 -7.08 -7.84
C GLY B 155 -0.84 -7.57 -8.47
N THR B 156 0.20 -6.77 -8.42
CA THR B 156 1.50 -7.13 -9.01
C THR B 156 2.05 -8.40 -8.31
N TRP B 157 1.97 -8.41 -6.97
CA TRP B 157 2.36 -9.62 -6.20
C TRP B 157 1.53 -10.83 -6.61
N TYR B 158 0.23 -10.70 -6.81
CA TYR B 158 -0.63 -11.83 -7.25
C TYR B 158 -0.09 -12.37 -8.64
N ARG B 159 0.33 -11.46 -9.50
CA ARG B 159 0.86 -11.86 -10.80
C ARG B 159 2.17 -12.66 -10.60
N GLN B 160 3.08 -12.11 -9.79
CA GLN B 160 4.37 -12.76 -9.53
C GLN B 160 4.26 -14.07 -8.81
N LYS B 161 3.44 -14.16 -7.78
CA LYS B 161 3.31 -15.36 -6.92
C LYS B 161 2.49 -16.45 -7.54
N TYR B 162 1.34 -16.12 -8.10
CA TYR B 162 0.40 -17.10 -8.52
C TYR B 162 0.22 -17.13 -10.04
N GLY B 163 0.76 -16.17 -10.73
CA GLY B 163 0.47 -16.06 -12.16
C GLY B 163 -0.87 -15.48 -12.58
N VAL B 164 -1.55 -14.74 -11.69
CA VAL B 164 -2.80 -14.06 -11.98
C VAL B 164 -2.48 -12.99 -13.03
N ASP B 165 -3.27 -12.93 -14.08
CA ASP B 165 -3.06 -11.95 -15.11
C ASP B 165 -3.78 -10.66 -14.66
N PHE B 166 -3.07 -9.87 -13.84
CA PHE B 166 -3.54 -8.58 -13.30
C PHE B 166 -3.04 -7.48 -14.19
N ARG B 167 -3.96 -6.61 -14.58
CA ARG B 167 -3.62 -5.48 -15.43
C ARG B 167 -4.27 -4.24 -14.84
N SER B 168 -3.62 -3.08 -14.97
CA SER B 168 -4.15 -1.83 -14.44
C SER B 168 -3.57 -0.67 -15.22
N VAL B 169 -4.34 0.40 -15.27
CA VAL B 169 -3.87 1.70 -15.68
C VAL B 169 -4.14 2.71 -14.61
N ARG B 170 -3.26 3.72 -14.54
CA ARG B 170 -3.52 4.89 -13.72
C ARG B 170 -4.31 5.89 -14.48
N LEU B 171 -5.57 5.93 -14.19
CA LEU B 171 -6.48 6.79 -14.94
C LEU B 171 -6.31 8.26 -14.48
N PRO B 172 -6.37 9.13 -15.44
CA PRO B 172 -6.53 10.56 -15.14
C PRO B 172 -7.96 10.87 -14.77
N GLY B 173 -8.32 12.13 -14.63
CA GLY B 173 -9.75 12.48 -14.47
C GLY B 173 -10.56 12.13 -15.72
N ILE B 174 -11.64 11.37 -15.54
CA ILE B 174 -12.48 10.91 -16.66
C ILE B 174 -13.72 11.78 -16.76
N ILE B 175 -13.94 12.32 -17.97
CA ILE B 175 -15.09 13.14 -18.30
C ILE B 175 -16.07 12.32 -19.11
N SER B 176 -17.32 12.35 -18.68
CA SER B 176 -18.45 11.74 -19.46
C SER B 176 -19.73 12.44 -19.16
N ALA B 177 -20.69 12.23 -20.06
CA ALA B 177 -22.09 12.69 -19.89
C ALA B 177 -23.10 11.77 -19.21
N ALA B 178 -22.89 10.43 -19.17
CA ALA B 178 -24.02 9.49 -18.81
C ALA B 178 -24.38 9.42 -17.34
N THR B 179 -23.43 9.02 -16.51
CA THR B 179 -23.69 8.84 -15.08
C THR B 179 -22.86 9.90 -14.33
N LEU B 180 -23.50 10.65 -13.40
CA LEU B 180 -22.77 11.70 -12.68
C LEU B 180 -21.59 11.08 -11.88
N PRO B 181 -20.55 11.88 -11.59
CA PRO B 181 -19.32 11.34 -10.99
C PRO B 181 -19.53 11.06 -9.51
N GLY B 182 -18.62 10.27 -8.94
CA GLY B 182 -18.84 9.78 -7.56
C GLY B 182 -18.08 10.46 -6.43
N GLY B 183 -17.59 11.68 -6.63
CA GLY B 183 -17.03 12.45 -5.50
C GLY B 183 -15.50 12.39 -5.43
N GLY B 184 -14.92 12.74 -6.59
CA GLY B 184 -13.51 12.95 -6.71
C GLY B 184 -13.19 14.44 -6.92
N ALA B 185 -11.91 14.74 -6.99
CA ALA B 185 -11.53 16.15 -7.18
C ALA B 185 -11.83 16.65 -8.62
N THR B 186 -11.97 15.75 -9.60
CA THR B 186 -12.09 16.18 -11.00
C THR B 186 -13.51 16.45 -11.41
N ASP B 187 -14.39 16.20 -10.46
CA ASP B 187 -15.79 16.33 -10.65
C ASP B 187 -16.31 17.68 -11.09
N TYR B 188 -15.59 18.76 -10.80
CA TYR B 188 -15.95 20.07 -11.24
C TYR B 188 -16.20 20.20 -12.76
N ALA B 189 -15.43 19.49 -13.57
CA ALA B 189 -15.46 19.65 -15.02
C ALA B 189 -16.87 19.28 -15.55
N ILE B 190 -17.33 18.11 -15.12
CA ILE B 190 -18.68 17.60 -15.51
C ILE B 190 -19.66 18.63 -15.02
N HIS B 191 -19.57 19.04 -13.75
CA HIS B 191 -20.51 20.03 -13.21
C HIS B 191 -20.50 21.37 -13.91
N MET B 192 -19.37 21.79 -14.49
CA MET B 192 -19.33 23.09 -15.21
C MET B 192 -20.13 23.03 -16.54
N TYR B 193 -20.18 21.86 -17.15
CA TYR B 193 -21.00 21.72 -18.39
C TYR B 193 -22.47 21.89 -17.99
N HIS B 194 -22.91 21.21 -16.95
CA HIS B 194 -24.33 21.29 -16.51
C HIS B 194 -24.65 22.74 -16.20
N SER B 195 -23.75 23.45 -15.48
CA SER B 195 -24.04 24.87 -15.16
C SER B 195 -24.13 25.71 -16.38
N ALA B 196 -23.37 25.39 -17.39
CA ALA B 196 -23.38 26.21 -18.59
C ALA B 196 -24.69 26.01 -19.42
N LEU B 197 -25.21 24.79 -19.42
CA LEU B 197 -26.43 24.48 -20.19
C LEU B 197 -27.65 25.06 -19.44
N LEU B 198 -27.64 24.95 -18.12
CA LEU B 198 -28.71 25.55 -17.26
C LEU B 198 -28.60 27.06 -17.13
N GLN B 199 -27.51 27.65 -17.62
CA GLN B 199 -27.26 29.09 -17.44
C GLN B 199 -27.32 29.52 -15.97
N LYS B 200 -26.64 28.74 -15.11
CA LYS B 200 -26.55 28.99 -13.66
C LYS B 200 -25.09 29.31 -13.35
N LYS B 201 -24.89 29.97 -12.23
CA LYS B 201 -23.52 30.30 -11.83
C LYS B 201 -22.86 29.00 -11.44
N CYS B 202 -21.62 28.81 -11.88
CA CYS B 202 -20.87 27.65 -11.53
C CYS B 202 -19.98 28.03 -10.34
N VAL B 203 -20.09 27.31 -9.22
CA VAL B 203 -19.15 27.52 -8.10
C VAL B 203 -18.08 26.43 -8.17
N CYS B 204 -16.90 26.80 -8.65
CA CYS B 204 -15.89 25.81 -8.96
C CYS B 204 -14.90 25.69 -7.79
N PRO B 205 -14.68 24.47 -7.24
CA PRO B 205 -13.86 24.31 -6.07
C PRO B 205 -12.39 24.10 -6.39
N VAL B 206 -12.04 24.05 -7.68
CA VAL B 206 -10.70 23.95 -8.14
C VAL B 206 -10.32 25.32 -8.78
N LEU B 207 -9.11 25.80 -8.46
CA LEU B 207 -8.70 27.12 -8.85
C LEU B 207 -8.36 27.17 -10.32
N PRO B 208 -8.41 28.37 -10.92
CA PRO B 208 -8.48 28.47 -12.41
C PRO B 208 -7.32 27.96 -13.23
N TYR B 209 -6.11 28.01 -12.71
CA TYR B 209 -4.92 27.58 -13.41
C TYR B 209 -4.33 26.28 -12.88
N GLU B 210 -5.15 25.54 -12.14
CA GLU B 210 -4.74 24.19 -11.65
C GLU B 210 -4.96 23.15 -12.79
N SER B 211 -3.91 22.86 -13.51
CA SER B 211 -4.02 21.95 -14.63
C SER B 211 -3.99 20.52 -14.08
N LEU B 212 -4.73 19.61 -14.68
CA LEU B 212 -4.73 18.20 -14.32
C LEU B 212 -4.80 17.35 -15.59
N PRO B 213 -4.22 16.16 -15.54
CA PRO B 213 -4.46 15.16 -16.62
C PRO B 213 -5.90 14.69 -16.66
N MET B 214 -6.47 14.63 -17.85
CA MET B 214 -7.86 14.31 -18.00
C MET B 214 -8.00 13.46 -19.27
N MET B 215 -9.16 12.85 -19.42
CA MET B 215 -9.42 12.04 -20.60
C MET B 215 -10.92 12.01 -20.85
N TYR B 216 -11.35 12.01 -22.11
CA TYR B 216 -12.74 11.89 -22.40
C TYR B 216 -13.10 10.41 -22.56
N MET B 217 -14.29 10.05 -22.07
CA MET B 217 -14.76 8.64 -21.95
C MET B 217 -14.54 7.76 -23.20
N PRO B 218 -14.81 8.24 -24.41
CA PRO B 218 -14.59 7.34 -25.57
C PRO B 218 -13.20 6.82 -25.72
N ASP B 219 -12.22 7.70 -25.43
CA ASP B 219 -10.80 7.27 -25.41
C ASP B 219 -10.56 6.31 -24.27
N THR B 220 -11.15 6.59 -23.11
CA THR B 220 -10.98 5.71 -21.96
C THR B 220 -11.51 4.31 -22.26
N LEU B 221 -12.69 4.24 -22.88
CA LEU B 221 -13.28 2.92 -23.23
C LEU B 221 -12.43 2.14 -24.19
N ASN B 222 -11.87 2.82 -25.21
CA ASN B 222 -11.02 2.12 -26.15
C ASN B 222 -9.78 1.52 -25.43
N SER B 223 -9.20 2.25 -24.48
CA SER B 223 -8.05 1.76 -23.80
C SER B 223 -8.36 0.67 -22.81
N LEU B 224 -9.46 0.80 -22.13
CA LEU B 224 -9.82 -0.28 -21.18
C LEU B 224 -10.06 -1.60 -21.89
N VAL B 225 -10.61 -1.57 -23.10
CA VAL B 225 -10.77 -2.77 -23.85
C VAL B 225 -9.45 -3.26 -24.39
N LYS B 226 -8.69 -2.33 -24.99
CA LYS B 226 -7.41 -2.67 -25.61
C LYS B 226 -6.43 -3.32 -24.70
N ILE B 227 -6.25 -2.76 -23.50
CA ILE B 227 -5.36 -3.39 -22.56
C ILE B 227 -5.80 -4.79 -22.14
N MET B 228 -7.09 -5.06 -22.09
CA MET B 228 -7.55 -6.41 -21.74
C MET B 228 -7.48 -7.42 -22.92
N GLU B 229 -7.52 -6.90 -24.13
CA GLU B 229 -7.45 -7.79 -25.32
C GLU B 229 -6.01 -8.18 -25.63
N ALA B 230 -5.03 -7.44 -25.11
CA ALA B 230 -3.66 -7.67 -25.48
C ALA B 230 -3.14 -9.08 -24.99
N PRO B 231 -2.33 -9.77 -25.84
CA PRO B 231 -1.70 -10.91 -25.28
C PRO B 231 -0.80 -10.56 -24.15
N LEU B 232 -0.78 -11.44 -23.15
CA LEU B 232 0.06 -11.26 -22.00
C LEU B 232 1.55 -10.96 -22.38
N GLU B 233 2.06 -11.63 -23.43
CA GLU B 233 3.45 -11.44 -23.88
C GLU B 233 3.82 -9.98 -24.22
N LYS B 234 2.86 -9.24 -24.75
CA LYS B 234 3.06 -7.85 -25.08
C LYS B 234 3.18 -6.93 -23.91
N LEU B 235 2.77 -7.33 -22.70
CA LEU B 235 2.79 -6.42 -21.55
C LEU B 235 4.07 -6.54 -20.79
N THR B 236 4.82 -5.43 -20.72
CA THR B 236 6.09 -5.44 -20.01
C THR B 236 5.90 -5.08 -18.54
N ARG B 237 4.73 -4.58 -18.21
CA ARG B 237 4.45 -4.23 -16.80
C ARG B 237 2.98 -4.52 -16.50
N THR B 238 2.62 -4.50 -15.22
CA THR B 238 1.22 -4.66 -14.79
C THR B 238 0.43 -3.34 -14.66
N VAL B 239 1.10 -2.21 -14.38
CA VAL B 239 0.45 -0.94 -14.15
C VAL B 239 1.06 0.10 -15.12
N TYR B 240 0.17 0.70 -15.87
CA TYR B 240 0.55 1.75 -16.84
C TYR B 240 -0.13 3.09 -16.59
N ASN B 241 0.65 4.15 -16.67
CA ASN B 241 0.09 5.45 -16.82
C ASN B 241 -0.58 5.54 -18.21
N ILE B 242 -1.71 6.18 -18.23
CA ILE B 242 -2.33 6.65 -19.49
C ILE B 242 -2.80 8.11 -19.30
N THR B 243 -2.66 8.89 -20.36
CA THR B 243 -3.33 10.23 -20.30
C THR B 243 -3.97 10.53 -21.67
N GLY B 244 -4.89 11.50 -21.55
CA GLY B 244 -5.61 12.08 -22.66
C GLY B 244 -4.96 13.41 -22.96
N PHE B 245 -5.38 14.40 -22.23
CA PHE B 245 -4.79 15.75 -22.38
C PHE B 245 -4.95 16.48 -21.04
N SER B 246 -4.14 17.48 -20.78
CA SER B 246 -4.30 18.21 -19.49
C SER B 246 -5.06 19.54 -19.70
N PHE B 247 -5.82 19.97 -18.70
CA PHE B 247 -6.47 21.27 -18.73
C PHE B 247 -6.73 21.77 -17.32
N SER B 248 -6.86 23.09 -17.23
CA SER B 248 -7.26 23.79 -16.02
C SER B 248 -8.71 24.29 -16.15
N PRO B 249 -9.33 24.66 -15.03
CA PRO B 249 -10.72 25.12 -15.11
C PRO B 249 -10.87 26.30 -16.04
N SER B 250 -9.88 27.17 -16.08
CA SER B 250 -9.95 28.32 -16.98
C SER B 250 -9.97 27.91 -18.45
N GLU B 251 -9.18 26.89 -18.81
CA GLU B 251 -9.13 26.36 -20.17
C GLU B 251 -10.45 25.66 -20.54
N LEU B 252 -11.03 24.83 -19.63
CA LEU B 252 -12.35 24.27 -19.77
C LEU B 252 -13.46 25.33 -20.04
N ARG B 253 -13.43 26.37 -19.23
CA ARG B 253 -14.35 27.51 -19.39
C ARG B 253 -14.21 28.16 -20.77
N PHE B 254 -12.98 28.46 -21.23
CA PHE B 254 -12.77 29.06 -22.54
C PHE B 254 -13.34 28.13 -23.62
N SER B 255 -13.03 26.84 -23.50
CA SER B 255 -13.59 25.88 -24.48
C SER B 255 -15.15 25.84 -24.54
N ILE B 256 -15.84 25.88 -23.42
CA ILE B 256 -17.30 25.81 -23.35
C ILE B 256 -17.86 27.12 -23.96
N GLU B 257 -17.26 28.23 -23.59
CA GLU B 257 -17.73 29.55 -24.09
C GLU B 257 -17.55 29.62 -25.64
N ARG B 258 -16.51 29.00 -26.20
CA ARG B 258 -16.32 28.90 -27.67
C ARG B 258 -17.49 28.15 -28.32
N CYS B 259 -17.88 27.02 -27.73
CA CYS B 259 -18.99 26.22 -28.22
C CYS B 259 -20.40 26.80 -28.06
N THR B 260 -20.67 27.49 -26.96
CA THR B 260 -22.00 28.03 -26.69
C THR B 260 -22.06 29.47 -27.24
N ASP B 261 -20.90 30.00 -27.61
CA ASP B 261 -20.74 31.39 -28.10
C ASP B 261 -21.30 32.42 -27.11
N ARG B 262 -21.08 32.14 -25.83
CA ARG B 262 -21.90 32.62 -24.74
C ARG B 262 -21.09 32.53 -23.43
N THR B 263 -20.83 33.70 -22.86
CA THR B 263 -19.98 33.83 -21.67
C THR B 263 -20.63 33.07 -20.48
N ILE B 264 -19.88 32.26 -19.72
CA ILE B 264 -20.48 31.59 -18.55
C ILE B 264 -19.95 32.18 -17.24
N GLU B 265 -20.77 32.15 -16.22
CA GLU B 265 -20.46 32.75 -14.95
C GLU B 265 -19.84 31.72 -14.04
N VAL B 266 -18.64 32.01 -13.56
CA VAL B 266 -17.92 31.06 -12.70
C VAL B 266 -17.37 31.84 -11.50
N GLU B 267 -17.63 31.33 -10.32
CA GLU B 267 -16.92 31.79 -9.12
C GLU B 267 -16.00 30.67 -8.64
N TYR B 268 -14.74 31.03 -8.42
CA TYR B 268 -13.77 30.05 -7.95
C TYR B 268 -13.71 30.19 -6.45
N VAL B 269 -14.24 29.23 -5.72
CA VAL B 269 -14.20 29.22 -4.27
C VAL B 269 -13.61 27.89 -3.88
N GLU B 270 -12.35 27.90 -3.43
CA GLU B 270 -11.54 26.71 -3.04
C GLU B 270 -12.35 25.73 -2.21
N GLY B 271 -12.33 24.45 -2.61
CA GLY B 271 -12.98 23.35 -1.87
C GLY B 271 -11.89 22.33 -1.58
N PRO B 272 -12.21 21.24 -0.86
CA PRO B 272 -11.16 20.27 -0.61
C PRO B 272 -10.51 19.67 -1.85
N ALA B 273 -11.26 19.64 -2.95
CA ALA B 273 -10.69 19.25 -4.20
C ALA B 273 -9.40 19.97 -4.58
N GLN B 274 -9.28 21.26 -4.26
CA GLN B 274 -8.11 22.00 -4.63
C GLN B 274 -6.82 21.52 -4.09
N LYS B 275 -6.69 21.36 -2.76
CA LYS B 275 -5.43 21.03 -2.22
C LYS B 275 -5.08 19.59 -2.65
N ILE B 276 -6.13 18.79 -2.89
CA ILE B 276 -5.93 17.41 -3.41
C ILE B 276 -5.36 17.47 -4.78
N ALA B 277 -6.02 18.20 -5.64
CA ALA B 277 -5.57 18.28 -7.02
C ALA B 277 -4.19 18.89 -7.21
N ASN B 278 -3.91 19.85 -6.35
CA ASN B 278 -2.64 20.52 -6.34
C ASN B 278 -1.49 19.61 -6.00
N SER B 279 -1.76 18.48 -5.35
CA SER B 279 -0.68 17.52 -5.08
C SER B 279 -0.41 16.49 -6.20
N TRP B 280 -1.32 16.48 -7.20
CA TRP B 280 -1.25 15.54 -8.33
C TRP B 280 -0.35 16.09 -9.47
N PRO B 281 0.16 15.22 -10.32
CA PRO B 281 1.00 15.62 -11.48
C PRO B 281 0.19 16.55 -12.43
N ASP B 282 0.90 17.35 -13.21
CA ASP B 282 0.18 18.21 -14.19
C ASP B 282 -0.01 17.47 -15.50
N SER B 283 0.87 16.53 -15.72
CA SER B 283 0.78 15.68 -16.90
C SER B 283 1.50 14.35 -16.66
N LEU B 284 1.13 13.29 -17.39
CA LEU B 284 1.81 11.99 -17.28
C LEU B 284 2.60 11.53 -18.52
N ASP B 285 3.66 10.78 -18.33
CA ASP B 285 4.37 10.07 -19.39
C ASP B 285 3.68 8.71 -19.62
N ASP B 286 3.00 8.53 -20.77
CA ASP B 286 2.35 7.21 -21.06
C ASP B 286 2.97 6.45 -22.26
N SER B 287 4.24 6.70 -22.53
CA SER B 287 4.95 6.01 -23.58
C SER B 287 4.91 4.47 -23.47
N ASN B 288 5.06 3.87 -22.27
CA ASN B 288 5.05 2.43 -22.20
C ASN B 288 3.72 1.85 -22.67
N ALA B 289 2.62 2.46 -22.28
CA ALA B 289 1.29 2.03 -22.69
C ALA B 289 1.12 2.16 -24.22
N ARG B 290 1.56 3.28 -24.74
CA ARG B 290 1.51 3.50 -26.22
C ARG B 290 2.37 2.45 -26.93
N ASN B 291 3.58 2.18 -26.44
CA ASN B 291 4.43 1.16 -27.07
C ASN B 291 3.98 -0.29 -26.91
N ASP B 292 3.45 -0.68 -25.74
CA ASP B 292 3.21 -2.12 -25.48
C ASP B 292 1.88 -2.51 -26.02
N TRP B 293 0.84 -1.71 -25.87
CA TRP B 293 -0.48 -2.15 -26.28
C TRP B 293 -1.32 -1.15 -27.06
N GLY B 294 -0.72 -0.01 -27.42
CA GLY B 294 -1.32 0.85 -28.43
C GLY B 294 -2.26 1.88 -27.92
N HIS B 295 -2.06 2.32 -26.65
CA HIS B 295 -2.91 3.36 -26.10
C HIS B 295 -2.86 4.56 -27.06
N GLN B 296 -4.01 5.14 -27.30
CA GLN B 296 -4.05 6.42 -28.00
C GLN B 296 -5.29 7.21 -27.67
N VAL B 297 -5.24 8.46 -28.07
CA VAL B 297 -6.21 9.40 -27.69
C VAL B 297 -6.63 10.20 -28.92
N LYS B 298 -7.91 10.26 -29.21
CA LYS B 298 -8.38 10.99 -30.36
C LYS B 298 -9.04 12.32 -30.04
N TYR B 299 -9.56 12.51 -28.83
CA TYR B 299 -10.30 13.75 -28.49
C TYR B 299 -9.38 14.78 -27.95
N ASP B 300 -9.60 16.05 -28.32
CA ASP B 300 -8.98 17.21 -27.70
C ASP B 300 -10.09 17.98 -26.96
N ILE B 301 -9.77 19.10 -26.29
CA ILE B 301 -10.72 19.71 -25.40
C ILE B 301 -11.96 20.26 -26.10
N ASP B 302 -11.78 20.83 -27.31
CA ASP B 302 -12.91 21.35 -28.07
C ASP B 302 -13.84 20.29 -28.62
N MET B 303 -13.28 19.18 -29.13
CA MET B 303 -14.07 18.03 -29.49
C MET B 303 -14.91 17.52 -28.32
N MET B 304 -14.26 17.36 -27.17
CA MET B 304 -14.97 16.96 -25.97
C MET B 304 -16.10 17.88 -25.60
N SER B 305 -15.83 19.18 -25.64
CA SER B 305 -16.81 20.12 -25.17
C SER B 305 -18.02 20.14 -26.15
N GLU B 306 -17.75 20.08 -27.44
CA GLU B 306 -18.90 19.89 -28.43
C GLU B 306 -19.72 18.66 -28.12
N ASP B 307 -19.07 17.52 -27.88
CA ASP B 307 -19.78 16.32 -27.59
C ASP B 307 -20.55 16.37 -26.28
N MET B 308 -19.95 16.93 -25.21
CA MET B 308 -20.63 16.98 -23.94
C MET B 308 -21.84 17.88 -24.00
N LEU B 309 -21.73 19.00 -24.69
CA LEU B 309 -22.84 19.92 -24.74
C LEU B 309 -23.99 19.34 -25.56
N ARG B 310 -23.70 18.42 -26.47
CA ARG B 310 -24.75 17.64 -27.13
C ARG B 310 -25.34 16.53 -26.28
N GLN B 311 -24.51 15.73 -25.66
CA GLN B 311 -25.01 14.56 -24.98
C GLN B 311 -25.76 14.85 -23.67
N ILE B 312 -25.32 15.88 -22.93
CA ILE B 312 -25.96 16.12 -21.63
C ILE B 312 -27.48 16.38 -21.73
N PRO B 313 -27.94 17.27 -22.64
CA PRO B 313 -29.37 17.40 -22.87
C PRO B 313 -30.07 16.09 -23.29
N ILE B 314 -29.44 15.28 -24.15
CA ILE B 314 -30.03 13.99 -24.60
C ILE B 314 -30.19 13.01 -23.47
N LEU B 315 -29.16 12.87 -22.65
CA LEU B 315 -29.21 11.88 -21.61
C LEU B 315 -29.89 12.30 -20.31
N HIS B 316 -29.96 13.60 -20.03
CA HIS B 316 -30.34 14.11 -18.72
C HIS B 316 -31.47 15.11 -18.80
N GLY B 317 -31.78 15.54 -20.02
CA GLY B 317 -32.94 16.36 -20.31
C GLY B 317 -32.76 17.84 -20.05
N LEU B 318 -31.52 18.31 -19.96
CA LEU B 318 -31.27 19.75 -19.71
C LEU B 318 -31.55 20.57 -20.96
N PRO B 319 -31.70 21.90 -20.85
CA PRO B 319 -31.84 22.74 -22.05
C PRO B 319 -30.67 22.60 -23.00
N SER B 320 -30.93 22.39 -24.28
CA SER B 320 -29.87 22.29 -25.29
C SER B 320 -29.77 23.60 -26.05
N LEU B 321 -29.85 23.55 -27.39
CA LEU B 321 -29.32 24.61 -28.29
C LEU B 321 -28.36 25.55 -27.55
PA NAI C . 7.82 -11.77 15.93
O1A NAI C . 9.07 -12.37 16.64
O2A NAI C . 7.12 -12.65 14.91
O5B NAI C . 6.72 -11.13 16.98
C5B NAI C . 5.42 -10.81 16.46
C4B NAI C . 4.64 -10.83 17.78
O4B NAI C . 3.30 -10.34 17.48
C3B NAI C . 4.31 -12.12 18.42
O3B NAI C . 4.78 -12.38 19.69
C2B NAI C . 2.98 -12.52 18.04
O2B NAI C . 2.35 -13.39 19.02
C1B NAI C . 2.34 -11.13 18.06
N9A NAI C . 1.04 -11.10 17.33
C8A NAI C . 0.72 -11.65 16.13
N7A NAI C . -0.59 -11.35 15.90
C5A NAI C . -1.00 -10.54 16.86
C6A NAI C . -2.24 -9.98 17.12
N6A NAI C . -3.25 -10.25 16.31
N1A NAI C . -2.46 -9.23 18.23
C2A NAI C . -1.39 -9.04 19.10
N3A NAI C . -0.13 -9.67 18.85
C4A NAI C . 0.01 -10.40 17.73
O3 NAI C . 8.22 -10.46 15.08
PN NAI C . 9.43 -9.49 15.41
O1N NAI C . 9.54 -9.18 16.88
O2N NAI C . 10.69 -9.95 14.73
O5D NAI C . 8.84 -8.12 14.66
C5D NAI C . 8.05 -7.13 15.33
C4D NAI C . 7.96 -6.21 14.18
O4D NAI C . 9.14 -5.52 13.80
C3D NAI C . 7.15 -6.29 12.96
O3D NAI C . 6.28 -5.31 12.59
C2D NAI C . 8.08 -6.74 12.01
O2D NAI C . 7.70 -6.41 10.67
C1D NAI C . 9.24 -5.87 12.50
N1N NAI C . 10.55 -5.81 11.89
C2N NAI C . 11.24 -6.94 12.30
C3N NAI C . 12.49 -7.28 11.82
C7N NAI C . 13.33 -8.38 12.26
O7N NAI C . 14.41 -8.64 11.68
N7N NAI C . 12.91 -9.20 13.29
C4N NAI C . 13.06 -6.31 10.90
C5N NAI C . 12.13 -5.43 10.28
C6N NAI C . 10.88 -5.18 10.73
N THR D . 13.45 -10.40 9.59
CA THR D . 12.39 -9.88 8.69
C THR D . 12.32 -10.76 7.48
O THR D . 11.24 -10.78 6.93
CB THR D . 12.64 -8.41 8.43
OG1 THR D . 11.54 -7.82 7.75
CG2 THR D . 13.99 -8.21 7.70
OXT THR D . 13.35 -11.46 7.23
C1 GOL E . 21.27 -9.47 22.37
O1 GOL E . 21.27 -10.85 22.08
C2 GOL E . 20.17 -9.12 23.31
O2 GOL E . 20.79 -8.17 24.20
C3 GOL E . 19.64 -10.42 23.95
O3 GOL E . 18.54 -10.90 23.15
NA NA F . 20.22 -8.47 -1.12
PA NAI G . -18.27 5.79 -9.15
O1A NAI G . -19.01 6.57 -10.19
O2A NAI G . -18.29 6.29 -7.75
O5B NAI G . -18.82 4.28 -9.22
C5B NAI G . -18.43 3.39 -8.19
C4B NAI G . -19.54 2.29 -8.14
O4B NAI G . -19.05 1.32 -7.17
C3B NAI G . -20.86 2.69 -7.69
O3B NAI G . -21.89 2.52 -8.61
C2B NAI G . -21.04 2.05 -6.40
O2B NAI G . -22.41 1.84 -6.02
C1B NAI G . -20.15 0.79 -6.49
N9A NAI G . -19.80 0.29 -5.19
C8A NAI G . -19.43 0.90 -4.04
N7A NAI G . -19.23 -0.03 -3.09
C5A NAI G . -19.47 -1.25 -3.62
C6A NAI G . -19.48 -2.49 -3.11
N6A NAI G . -19.22 -2.71 -1.79
N1A NAI G . -19.76 -3.54 -3.90
C2A NAI G . -20.10 -3.32 -5.22
N3A NAI G . -20.17 -2.04 -5.77
C4A NAI G . -19.84 -1.04 -4.94
O3 NAI G . -16.75 5.58 -9.54
PN NAI G . -16.10 5.59 -11.03
O1N NAI G . -16.97 4.78 -11.97
O2N NAI G . -15.82 7.03 -11.39
O5D NAI G . -14.72 4.76 -10.84
C5D NAI G . -14.67 3.28 -10.99
C4D NAI G . -13.24 3.14 -10.64
O4D NAI G . -12.23 3.67 -11.54
C3D NAI G . -12.59 3.27 -9.34
O3D NAI G . -11.75 2.21 -8.82
C2D NAI G . -12.05 4.52 -9.30
O2D NAI G . -10.87 4.70 -8.36
C1D NAI G . -11.56 4.50 -10.72
N1N NAI G . -11.03 5.62 -11.46
C2N NAI G . -11.99 6.55 -11.69
C3N NAI G . -11.62 7.80 -12.22
C7N NAI G . -12.54 8.80 -12.62
O7N NAI G . -12.09 9.90 -13.02
N7N NAI G . -13.84 8.60 -12.55
C4N NAI G . -10.27 8.03 -12.58
C5N NAI G . -9.38 7.17 -11.95
C6N NAI G . -9.75 6.00 -11.35
N THR H . -11.94 11.27 -10.55
CA THR H . -10.99 10.68 -9.51
C THR H . -10.69 11.68 -8.39
O THR H . -10.80 12.89 -8.68
CB THR H . -9.71 10.11 -10.08
OG1 THR H . -9.00 9.35 -9.05
CG2 THR H . -8.82 11.20 -10.71
OXT THR H . -10.49 11.20 -7.26
C1 GOL I . -19.57 10.50 -23.60
O1 GOL I . -20.06 11.52 -22.73
C2 GOL I . -20.19 9.20 -23.23
O2 GOL I . -19.37 8.11 -23.69
C3 GOL I . -20.05 9.16 -21.74
O3 GOL I . -21.32 9.10 -21.18
C1 GOL J . -21.72 -9.05 -30.57
O1 GOL J . -20.80 -9.03 -31.71
C2 GOL J . -23.10 -8.37 -30.82
O2 GOL J . -24.02 -9.40 -31.00
C3 GOL J . -23.76 -7.56 -29.67
O3 GOL J . -24.51 -6.40 -30.11
NA NA K . -1.87 19.25 -10.42
#